data_7WCJ
#
_entry.id   7WCJ
#
_cell.length_a   112.733
_cell.length_b   112.733
_cell.length_c   143.961
_cell.angle_alpha   90.000
_cell.angle_beta   90.000
_cell.angle_gamma   90.000
#
_symmetry.space_group_name_H-M   'P 41 21 2'
#
loop_
_entity.id
_entity.type
_entity.pdbx_description
1 polymer 'Trehalose-binding lipoprotein LpqY'
2 non-polymer 'SULFATE ION'
3 water water
#
_entity_poly.entity_id   1
_entity_poly.type   'polypeptide(L)'
_entity_poly.pdbx_seq_one_letter_code
;CGADSQGLVVSFYTPATDGATFTAIAQRCNQQFGGRFTIAQVSLPRSPNEQRLQLARRLTGNDRTLDVMALDVVWTAEFA
EAGWALPLSDDPAGLAENDAVADTLPGPLATAGWNHKLYAAPVTTNTQLLWYRPDLVNSPPTDWNAMIAEAARLHAAGEP
SWIAVQANQGEGLVVWFNTLLVSAGGSVLSEDGRHVTLTDTPAHRAATVSALQILKSVATTPGADPSITRTEEGSARLAF
EQGKAALEVNWPFVFASMLENAVKGGVPFLPLNRIPQLAGSINDIGTFTPSDEQFRIAYDASQQVFGFAPYPAVAPGQPA
KVTIGGLNLAVAKTTRHRAEAFEAVRCLRDQHNQRYVSLEGGLPAVRASLYSDPQFQAKYPMHAIIRQQLTDAAVRPATP
VYQALSIRLAAVLSPITEIDPESTADELAAQAQKAIDGMGLLP
;
_entity_poly.pdbx_strand_id   A,B
#
# COMPACT_ATOMS: atom_id res chain seq x y z
N GLN A 6 20.78 26.68 6.60
CA GLN A 6 19.42 27.15 6.74
C GLN A 6 18.68 27.03 5.41
N GLY A 7 17.59 27.79 5.25
CA GLY A 7 16.73 27.74 4.04
C GLY A 7 15.25 27.68 4.43
N LEU A 8 14.39 28.47 3.79
CA LEU A 8 12.93 28.52 4.09
C LEU A 8 12.27 27.24 3.58
N VAL A 9 11.51 26.54 4.42
CA VAL A 9 10.83 25.27 4.04
C VAL A 9 9.32 25.46 4.20
N VAL A 10 8.53 25.03 3.21
CA VAL A 10 7.08 25.07 3.30
C VAL A 10 6.61 23.63 3.50
N SER A 11 6.05 23.33 4.67
CA SER A 11 5.61 21.98 4.95
C SER A 11 4.34 21.66 4.18
N PHE A 12 4.22 20.39 3.78
CA PHE A 12 3.14 19.92 2.91
C PHE A 12 2.65 18.59 3.47
N TYR A 13 1.55 18.62 4.22
CA TYR A 13 1.03 17.47 4.93
C TYR A 13 0.01 16.75 4.07
N THR A 14 0.20 15.44 3.87
CA THR A 14 -0.68 14.64 3.04
C THR A 14 -0.87 13.27 3.67
N PRO A 15 -1.90 12.53 3.25
CA PRO A 15 -2.02 11.13 3.63
C PRO A 15 -0.78 10.35 3.22
N ALA A 16 -0.34 9.44 4.09
CA ALA A 16 0.82 8.61 3.75
C ALA A 16 0.57 7.74 2.53
N THR A 17 -0.68 7.31 2.34
CA THR A 17 -1.01 6.46 1.18
C THR A 17 -0.43 7.03 -0.11
N ASP A 18 -0.44 8.36 -0.24
CA ASP A 18 0.00 9.04 -1.45
C ASP A 18 1.34 9.75 -1.24
N GLY A 19 2.14 9.25 -0.31
CA GLY A 19 3.38 9.93 0.04
C GLY A 19 4.37 9.99 -1.11
N ALA A 20 4.58 8.86 -1.78
CA ALA A 20 5.50 8.83 -2.92
C ALA A 20 5.06 9.79 -4.01
N THR A 21 3.77 9.77 -4.35
CA THR A 21 3.27 10.64 -5.40
C THR A 21 3.43 12.10 -5.02
N PHE A 22 3.02 12.47 -3.81
CA PHE A 22 3.06 13.88 -3.41
C PHE A 22 4.49 14.35 -3.13
N THR A 23 5.38 13.45 -2.70
CA THR A 23 6.79 13.82 -2.60
C THR A 23 7.36 14.17 -3.97
N ALA A 24 7.03 13.38 -4.99
CA ALA A 24 7.61 13.61 -6.32
C ALA A 24 7.16 14.94 -6.90
N ILE A 25 5.89 15.30 -6.73
CA ILE A 25 5.45 16.58 -7.28
C ILE A 25 6.06 17.72 -6.45
N ALA A 26 6.24 17.51 -5.15
CA ALA A 26 6.92 18.49 -4.33
C ALA A 26 8.34 18.75 -4.86
N GLN A 27 9.09 17.69 -5.11
CA GLN A 27 10.45 17.84 -5.61
C GLN A 27 10.46 18.51 -6.98
N ARG A 28 9.46 18.22 -7.80
CA ARG A 28 9.32 18.86 -9.12
C ARG A 28 9.12 20.37 -8.92
N CYS A 29 8.31 20.75 -7.93
CA CYS A 29 8.05 22.15 -7.67
C CYS A 29 9.29 22.87 -7.18
N ASN A 30 10.09 22.20 -6.33
CA ASN A 30 11.30 22.82 -5.80
C ASN A 30 12.21 23.29 -6.93
N GLN A 31 12.24 22.55 -8.03
CA GLN A 31 13.08 22.94 -9.16
C GLN A 31 12.82 24.38 -9.59
N GLN A 32 11.57 24.82 -9.54
CA GLN A 32 11.17 26.07 -10.15
C GLN A 32 11.09 27.24 -9.16
N PHE A 33 11.54 27.06 -7.92
CA PHE A 33 11.51 28.13 -6.94
C PHE A 33 12.82 28.90 -6.86
N GLY A 34 13.82 28.54 -7.67
CA GLY A 34 15.07 29.28 -7.69
C GLY A 34 15.78 29.31 -6.35
N GLY A 35 15.64 28.26 -5.55
CA GLY A 35 16.25 28.22 -4.24
C GLY A 35 15.69 29.21 -3.25
N ARG A 36 14.60 29.89 -3.60
CA ARG A 36 13.95 30.79 -2.64
C ARG A 36 13.43 30.01 -1.44
N PHE A 37 12.79 28.87 -1.69
CA PHE A 37 12.31 27.99 -0.64
C PHE A 37 12.08 26.61 -1.25
N THR A 38 11.86 25.63 -0.38
CA THR A 38 11.58 24.27 -0.79
C THR A 38 10.32 23.78 -0.09
N ILE A 39 9.62 22.86 -0.75
CA ILE A 39 8.47 22.17 -0.16
C ILE A 39 8.96 20.85 0.42
N ALA A 40 8.60 20.58 1.67
CA ALA A 40 8.84 19.29 2.31
C ALA A 40 7.51 18.61 2.52
N GLN A 41 7.31 17.47 1.83
CA GLN A 41 6.14 16.65 2.10
C GLN A 41 6.26 16.00 3.47
N VAL A 42 5.16 15.98 4.21
CA VAL A 42 5.08 15.31 5.50
C VAL A 42 3.92 14.35 5.46
N SER A 43 4.16 13.09 5.80
CA SER A 43 3.15 12.05 5.72
C SER A 43 2.35 11.99 7.01
N LEU A 44 1.05 12.23 6.92
CA LEU A 44 0.12 11.95 8.01
C LEU A 44 -0.18 10.46 8.04
N PRO A 45 -0.89 9.98 9.06
CA PRO A 45 -1.28 8.57 9.08
C PRO A 45 -2.14 8.20 7.88
N ARG A 46 -2.16 6.90 7.58
CA ARG A 46 -2.99 6.42 6.47
C ARG A 46 -4.47 6.56 6.77
N SER A 47 -4.86 6.45 8.03
CA SER A 47 -6.27 6.57 8.40
C SER A 47 -6.74 8.02 8.26
N PRO A 48 -7.77 8.29 7.46
CA PRO A 48 -8.24 9.69 7.35
C PRO A 48 -8.60 10.32 8.70
N ASN A 49 -9.21 9.55 9.61
CA ASN A 49 -9.60 10.15 10.88
C ASN A 49 -8.39 10.56 11.72
N GLU A 50 -7.33 9.76 11.69
CA GLU A 50 -6.12 10.15 12.41
C GLU A 50 -5.40 11.30 11.72
N GLN A 51 -5.54 11.46 10.42
CA GLN A 51 -4.93 12.61 9.70
C GLN A 51 -5.59 13.89 10.22
N ARG A 52 -6.91 13.90 10.32
CA ARG A 52 -7.69 15.08 10.76
C ARG A 52 -7.35 15.40 12.21
N LEU A 53 -7.15 14.38 13.04
CA LEU A 53 -6.93 14.58 14.48
C LEU A 53 -5.51 15.11 14.73
N GLN A 54 -4.52 14.71 13.94
CA GLN A 54 -3.19 15.27 14.09
C GLN A 54 -3.14 16.71 13.61
N LEU A 55 -3.77 17.00 12.47
CA LEU A 55 -3.83 18.38 12.00
C LEU A 55 -4.47 19.29 13.04
N ALA A 56 -5.59 18.85 13.61
CA ALA A 56 -6.27 19.64 14.63
C ALA A 56 -5.35 19.91 15.82
N ARG A 57 -4.68 18.86 16.31
CA ARG A 57 -3.72 19.05 17.40
C ARG A 57 -2.70 20.12 17.05
N ARG A 58 -2.17 20.07 15.83
CA ARG A 58 -1.12 21.01 15.44
C ARG A 58 -1.67 22.43 15.28
N LEU A 59 -2.94 22.57 14.88
CA LEU A 59 -3.51 23.89 14.67
C LEU A 59 -3.86 24.54 16.01
N THR A 60 -4.55 23.82 16.88
CA THR A 60 -4.90 24.37 18.18
C THR A 60 -3.67 24.56 19.05
N GLY A 61 -2.62 23.78 18.81
CA GLY A 61 -1.35 23.99 19.48
C GLY A 61 -0.44 25.02 18.86
N ASN A 62 -0.92 25.71 17.82
CA ASN A 62 -0.17 26.80 17.17
C ASN A 62 1.25 26.37 16.80
N ASP A 63 1.35 25.23 16.11
CA ASP A 63 2.61 24.79 15.53
C ASP A 63 2.93 25.64 14.31
N ARG A 64 3.95 26.50 14.42
CA ARG A 64 4.20 27.49 13.39
C ARG A 64 4.88 26.93 12.14
N THR A 65 5.30 25.66 12.16
CA THR A 65 5.89 25.06 10.96
C THR A 65 4.86 24.40 10.05
N LEU A 66 3.60 24.32 10.47
CA LEU A 66 2.54 23.76 9.64
C LEU A 66 2.09 24.81 8.62
N ASP A 67 2.27 24.50 7.32
CA ASP A 67 2.03 25.47 6.26
C ASP A 67 0.90 25.03 5.34
N VAL A 68 1.10 24.00 4.52
CA VAL A 68 0.12 23.55 3.54
C VAL A 68 -0.35 22.15 3.94
N MET A 69 -1.65 21.91 3.83
CA MET A 69 -2.23 20.63 4.23
C MET A 69 -3.30 20.20 3.26
N ALA A 70 -3.30 18.90 2.95
CA ALA A 70 -4.30 18.27 2.10
C ALA A 70 -5.49 17.82 2.94
N LEU A 71 -6.65 18.39 2.67
CA LEU A 71 -7.85 18.13 3.46
C LEU A 71 -8.84 17.27 2.67
N ASP A 72 -9.45 16.30 3.36
CA ASP A 72 -10.60 15.60 2.80
C ASP A 72 -11.69 16.61 2.44
N VAL A 73 -12.41 16.31 1.36
CA VAL A 73 -13.38 17.27 0.84
C VAL A 73 -14.47 17.61 1.83
N VAL A 74 -14.71 16.76 2.83
CA VAL A 74 -15.78 17.04 3.79
C VAL A 74 -15.30 17.79 5.02
N TRP A 75 -14.00 18.06 5.13
CA TRP A 75 -13.47 18.81 6.27
C TRP A 75 -13.53 20.32 6.05
N THR A 76 -13.97 20.78 4.88
CA THR A 76 -13.95 22.21 4.56
C THR A 76 -14.60 23.04 5.65
N ALA A 77 -15.89 22.77 5.92
CA ALA A 77 -16.64 23.60 6.85
C ALA A 77 -15.98 23.63 8.23
N GLU A 78 -15.57 22.46 8.73
CA GLU A 78 -14.91 22.38 10.03
C GLU A 78 -13.72 23.33 10.09
N PHE A 79 -12.78 23.19 9.15
CA PHE A 79 -11.54 23.95 9.20
C PHE A 79 -11.77 25.43 8.92
N ALA A 80 -12.74 25.76 8.08
CA ALA A 80 -13.01 27.18 7.80
C ALA A 80 -13.66 27.86 9.00
N GLU A 81 -14.75 27.29 9.51
CA GLU A 81 -15.43 27.89 10.65
C GLU A 81 -14.48 28.11 11.82
N ALA A 82 -13.54 27.20 12.02
CA ALA A 82 -12.62 27.27 13.15
C ALA A 82 -11.44 28.22 12.90
N GLY A 83 -11.40 28.88 11.74
CA GLY A 83 -10.28 29.75 11.42
C GLY A 83 -8.98 29.01 11.21
N TRP A 84 -9.03 27.70 10.96
CA TRP A 84 -7.82 26.91 10.75
C TRP A 84 -7.30 27.02 9.33
N ALA A 85 -8.17 27.19 8.35
CA ALA A 85 -7.79 27.31 6.95
C ALA A 85 -8.01 28.74 6.50
N LEU A 86 -6.94 29.39 6.06
CA LEU A 86 -7.07 30.76 5.60
C LEU A 86 -7.96 30.81 4.37
N PRO A 87 -8.80 31.84 4.23
CA PRO A 87 -9.50 32.03 2.96
C PRO A 87 -8.49 32.31 1.85
N LEU A 88 -8.83 31.86 0.64
CA LEU A 88 -7.92 32.09 -0.48
C LEU A 88 -7.67 33.58 -0.71
N SER A 89 -8.59 34.44 -0.28
CA SER A 89 -8.42 35.88 -0.43
C SER A 89 -7.34 36.44 0.50
N ASP A 90 -6.83 35.64 1.43
CA ASP A 90 -5.74 36.04 2.31
C ASP A 90 -4.36 35.89 1.66
N ASP A 91 -4.31 35.51 0.39
CA ASP A 91 -3.03 35.40 -0.32
C ASP A 91 -2.47 36.79 -0.59
N PRO A 92 -1.28 37.13 -0.08
CA PRO A 92 -0.76 38.47 -0.33
C PRO A 92 -0.62 38.80 -1.80
N ALA A 93 -0.38 37.79 -2.65
CA ALA A 93 -0.25 38.00 -4.08
C ALA A 93 -1.60 38.14 -4.78
N GLY A 94 -2.69 37.78 -4.13
CA GLY A 94 -4.00 37.88 -4.75
C GLY A 94 -4.21 36.96 -5.93
N LEU A 95 -3.48 35.85 -6.01
CA LEU A 95 -3.61 34.91 -7.11
C LEU A 95 -4.34 33.62 -6.75
N ALA A 96 -4.48 33.31 -5.46
CA ALA A 96 -5.00 32.01 -5.07
C ALA A 96 -6.42 31.80 -5.58
N GLU A 97 -7.27 32.82 -5.48
CA GLU A 97 -8.67 32.66 -5.85
C GLU A 97 -8.82 32.29 -7.32
N ASN A 98 -8.26 33.11 -8.21
CA ASN A 98 -8.38 32.86 -9.64
C ASN A 98 -7.81 31.51 -10.01
N ASP A 99 -6.69 31.13 -9.41
CA ASP A 99 -6.06 29.86 -9.77
C ASP A 99 -6.97 28.68 -9.45
N ALA A 100 -7.61 28.71 -8.28
CA ALA A 100 -8.46 27.59 -7.88
C ALA A 100 -9.69 27.48 -8.78
N VAL A 101 -10.15 28.59 -9.36
CA VAL A 101 -11.34 28.55 -10.21
C VAL A 101 -10.98 28.13 -11.62
N ALA A 102 -9.91 28.71 -12.17
CA ALA A 102 -9.57 28.51 -13.57
C ALA A 102 -9.29 27.04 -13.88
N ASP A 103 -10.08 26.48 -14.79
CA ASP A 103 -9.85 25.14 -15.33
C ASP A 103 -10.09 24.04 -14.30
N THR A 104 -10.95 24.30 -13.32
CA THR A 104 -11.29 23.31 -12.29
C THR A 104 -12.74 22.88 -12.48
N LEU A 105 -12.98 21.58 -12.49
CA LEU A 105 -14.33 21.07 -12.70
C LEU A 105 -15.24 21.55 -11.56
N PRO A 106 -16.53 21.75 -11.83
CA PRO A 106 -17.40 22.37 -10.81
C PRO A 106 -17.53 21.57 -9.53
N GLY A 107 -17.66 20.25 -9.62
CA GLY A 107 -17.85 19.42 -8.46
C GLY A 107 -16.77 19.58 -7.41
N PRO A 108 -15.51 19.41 -7.80
CA PRO A 108 -14.41 19.62 -6.83
C PRO A 108 -14.45 21.01 -6.22
N LEU A 109 -14.71 22.04 -7.04
CA LEU A 109 -14.74 23.40 -6.54
C LEU A 109 -15.83 23.58 -5.49
N ALA A 110 -16.98 22.93 -5.67
CA ALA A 110 -18.07 23.09 -4.72
C ALA A 110 -17.69 22.60 -3.33
N THR A 111 -16.80 21.60 -3.24
CA THR A 111 -16.39 21.09 -1.94
C THR A 111 -15.47 22.05 -1.21
N ALA A 112 -14.90 23.04 -1.90
CA ALA A 112 -13.88 23.91 -1.33
C ALA A 112 -14.44 25.21 -0.77
N GLY A 113 -15.73 25.44 -0.90
CA GLY A 113 -16.34 26.67 -0.43
C GLY A 113 -16.99 26.52 0.93
N TRP A 114 -17.30 27.67 1.53
CA TRP A 114 -17.96 27.75 2.83
C TRP A 114 -18.28 29.21 3.12
N ASN A 115 -19.56 29.53 3.33
CA ASN A 115 -19.99 30.92 3.46
C ASN A 115 -19.65 31.71 2.19
N HIS A 116 -19.88 31.08 1.03
CA HIS A 116 -19.71 31.70 -0.28
C HIS A 116 -18.27 32.12 -0.54
N LYS A 117 -17.32 31.50 0.16
CA LYS A 117 -15.91 31.84 0.07
C LYS A 117 -15.08 30.57 -0.08
N LEU A 118 -14.09 30.62 -0.96
CA LEU A 118 -13.17 29.50 -1.11
C LEU A 118 -12.16 29.49 0.03
N TYR A 119 -11.96 28.32 0.64
CA TYR A 119 -10.98 28.14 1.69
C TYR A 119 -9.93 27.10 1.34
N ALA A 120 -9.97 26.52 0.14
CA ALA A 120 -8.96 25.57 -0.30
C ALA A 120 -9.01 25.47 -1.81
N ALA A 121 -7.98 24.82 -2.37
CA ALA A 121 -7.83 24.67 -3.81
C ALA A 121 -7.84 23.19 -4.16
N PRO A 122 -8.81 22.70 -4.92
CA PRO A 122 -8.84 21.26 -5.25
C PRO A 122 -7.55 20.79 -5.91
N VAL A 123 -7.17 19.55 -5.61
CA VAL A 123 -6.01 18.95 -6.27
C VAL A 123 -6.36 17.56 -6.77
N THR A 124 -7.13 16.79 -6.01
CA THR A 124 -7.56 15.47 -6.46
C THR A 124 -9.04 15.26 -6.14
N THR A 125 -9.66 14.35 -6.87
CA THR A 125 -11.09 14.07 -6.74
C THR A 125 -11.32 12.58 -6.95
N ASN A 126 -12.60 12.19 -6.86
CA ASN A 126 -12.99 10.79 -6.96
C ASN A 126 -14.51 10.72 -7.15
N THR A 127 -14.95 9.66 -7.81
CA THR A 127 -16.37 9.38 -7.98
C THR A 127 -16.53 7.88 -8.16
N GLN A 128 -17.74 7.38 -7.95
CA GLN A 128 -18.01 5.95 -8.02
C GLN A 128 -18.69 5.61 -9.34
N LEU A 129 -18.30 4.47 -9.91
CA LEU A 129 -18.86 3.98 -11.16
C LEU A 129 -19.51 2.62 -10.92
N LEU A 130 -20.25 2.16 -11.93
CA LEU A 130 -20.73 0.79 -11.98
C LEU A 130 -19.69 -0.09 -12.67
N TRP A 131 -19.40 -1.24 -12.07
CA TRP A 131 -18.52 -2.24 -12.66
C TRP A 131 -19.31 -3.54 -12.78
N TYR A 132 -19.26 -4.17 -13.94
CA TYR A 132 -20.09 -5.34 -14.19
C TYR A 132 -19.36 -6.35 -15.05
N ARG A 133 -19.88 -7.59 -15.02
CA ARG A 133 -19.40 -8.69 -15.85
C ARG A 133 -20.19 -8.72 -17.15
N PRO A 134 -19.67 -8.15 -18.24
CA PRO A 134 -20.43 -8.19 -19.50
C PRO A 134 -20.66 -9.59 -20.04
N ASP A 135 -19.87 -10.58 -19.62
CA ASP A 135 -20.10 -11.95 -20.05
C ASP A 135 -21.29 -12.58 -19.35
N LEU A 136 -21.71 -12.04 -18.21
CA LEU A 136 -22.87 -12.52 -17.48
C LEU A 136 -24.05 -11.57 -17.55
N VAL A 137 -23.82 -10.32 -17.93
CA VAL A 137 -24.80 -9.25 -17.87
C VAL A 137 -24.78 -8.52 -19.21
N ASN A 138 -25.86 -8.61 -19.99
CA ASN A 138 -25.78 -8.18 -21.37
C ASN A 138 -25.57 -6.68 -21.47
N SER A 139 -26.44 -5.90 -20.84
CA SER A 139 -26.26 -4.46 -20.73
C SER A 139 -26.19 -4.02 -19.28
N PRO A 140 -25.36 -3.02 -18.96
CA PRO A 140 -25.25 -2.57 -17.57
C PRO A 140 -26.54 -1.94 -17.08
N PRO A 141 -27.04 -2.34 -15.91
CA PRO A 141 -28.25 -1.69 -15.38
C PRO A 141 -28.08 -0.18 -15.28
N THR A 142 -29.12 0.54 -15.69
CA THR A 142 -29.09 2.00 -15.74
C THR A 142 -29.73 2.66 -14.54
N ASP A 143 -30.50 1.93 -13.73
CA ASP A 143 -31.03 2.45 -12.47
C ASP A 143 -30.99 1.33 -11.44
N TRP A 144 -31.34 1.68 -10.20
CA TRP A 144 -31.19 0.73 -9.11
C TRP A 144 -32.27 -0.35 -9.13
N ASN A 145 -33.44 -0.06 -9.69
CA ASN A 145 -34.43 -1.13 -9.87
C ASN A 145 -33.91 -2.18 -10.83
N ALA A 146 -33.21 -1.75 -11.88
CA ALA A 146 -32.61 -2.70 -12.81
C ALA A 146 -31.48 -3.48 -12.13
N MET A 147 -30.73 -2.83 -11.25
CA MET A 147 -29.73 -3.53 -10.46
C MET A 147 -30.36 -4.68 -9.69
N ILE A 148 -31.46 -4.39 -8.98
CA ILE A 148 -32.13 -5.42 -8.19
C ILE A 148 -32.60 -6.56 -9.09
N ALA A 149 -33.29 -6.23 -10.18
CA ALA A 149 -33.85 -7.27 -11.04
C ALA A 149 -32.76 -8.13 -11.65
N GLU A 150 -31.63 -7.52 -12.03
CA GLU A 150 -30.55 -8.28 -12.64
C GLU A 150 -29.93 -9.24 -11.62
N ALA A 151 -29.59 -8.74 -10.43
CA ALA A 151 -29.01 -9.60 -9.41
C ALA A 151 -29.94 -10.75 -9.06
N ALA A 152 -31.25 -10.51 -9.04
CA ALA A 152 -32.19 -11.58 -8.71
C ALA A 152 -32.27 -12.61 -9.82
N ARG A 153 -32.32 -12.17 -11.08
CA ARG A 153 -32.25 -13.09 -12.19
C ARG A 153 -31.02 -13.98 -12.09
N LEU A 154 -29.86 -13.37 -11.81
CA LEU A 154 -28.63 -14.14 -11.71
C LEU A 154 -28.70 -15.19 -10.61
N HIS A 155 -29.35 -14.86 -9.49
CA HIS A 155 -29.47 -15.83 -8.41
C HIS A 155 -30.29 -17.04 -8.85
N ALA A 156 -31.40 -16.79 -9.55
CA ALA A 156 -32.24 -17.90 -10.01
C ALA A 156 -31.52 -18.75 -11.04
N ALA A 157 -30.58 -18.16 -11.78
CA ALA A 157 -29.79 -18.89 -12.77
C ALA A 157 -28.54 -19.53 -12.16
N GLY A 158 -28.43 -19.53 -10.82
CA GLY A 158 -27.29 -20.14 -10.18
C GLY A 158 -25.98 -19.41 -10.33
N GLU A 159 -26.02 -18.14 -10.70
CA GLU A 159 -24.85 -17.35 -11.04
C GLU A 159 -24.54 -16.35 -9.93
N PRO A 160 -23.35 -15.70 -10.00
CA PRO A 160 -23.00 -14.72 -8.96
C PRO A 160 -24.06 -13.65 -8.78
N SER A 161 -24.63 -13.55 -7.58
CA SER A 161 -25.80 -12.70 -7.36
C SER A 161 -25.55 -11.51 -6.46
N TRP A 162 -24.40 -11.41 -5.80
CA TRP A 162 -24.17 -10.30 -4.90
C TRP A 162 -24.12 -8.98 -5.66
N ILE A 163 -24.68 -7.93 -5.07
CA ILE A 163 -24.39 -6.56 -5.46
C ILE A 163 -23.29 -6.06 -4.53
N ALA A 164 -22.09 -5.85 -5.07
CA ALA A 164 -20.94 -5.49 -4.26
C ALA A 164 -20.94 -3.99 -4.00
N VAL A 165 -21.21 -3.59 -2.77
CA VAL A 165 -21.22 -2.18 -2.39
C VAL A 165 -20.79 -2.09 -0.93
N GLN A 166 -20.02 -1.04 -0.61
CA GLN A 166 -19.62 -0.77 0.77
C GLN A 166 -20.83 -0.27 1.53
N ALA A 167 -21.31 -1.07 2.50
CA ALA A 167 -22.54 -0.73 3.22
C ALA A 167 -22.43 -0.97 4.72
N ASN A 168 -21.23 -1.22 5.24
CA ASN A 168 -21.05 -1.37 6.68
C ASN A 168 -21.11 -0.01 7.37
N GLN A 169 -21.36 -0.04 8.67
CA GLN A 169 -21.51 1.19 9.43
C GLN A 169 -20.24 2.03 9.34
N GLY A 170 -20.36 3.20 8.74
CA GLY A 170 -19.22 4.07 8.56
C GLY A 170 -19.48 5.06 7.43
N GLU A 171 -18.41 5.73 7.03
CA GLU A 171 -18.53 6.79 6.03
C GLU A 171 -19.01 6.25 4.69
N GLY A 172 -18.63 5.02 4.34
CA GLY A 172 -19.02 4.48 3.06
C GLY A 172 -20.51 4.34 2.89
N LEU A 173 -21.20 3.92 3.97
CA LEU A 173 -22.66 3.86 3.92
C LEU A 173 -23.25 5.26 3.82
N VAL A 174 -22.64 6.24 4.48
CA VAL A 174 -23.11 7.62 4.40
C VAL A 174 -22.97 8.14 2.97
N VAL A 175 -21.84 7.84 2.33
CA VAL A 175 -21.65 8.23 0.94
C VAL A 175 -22.75 7.64 0.07
N TRP A 176 -23.02 6.35 0.24
CA TRP A 176 -24.04 5.69 -0.57
C TRP A 176 -25.41 6.31 -0.35
N PHE A 177 -25.78 6.53 0.91
CA PHE A 177 -27.07 7.17 1.19
C PHE A 177 -27.14 8.56 0.58
N ASN A 178 -26.03 9.31 0.64
CA ASN A 178 -26.02 10.66 0.12
C ASN A 178 -26.28 10.69 -1.38
N THR A 179 -25.62 9.80 -2.12
CA THR A 179 -25.84 9.74 -3.57
C THR A 179 -27.29 9.49 -3.91
N LEU A 180 -27.87 8.43 -3.34
CA LEU A 180 -29.28 8.12 -3.57
C LEU A 180 -30.15 9.32 -3.21
N LEU A 181 -29.87 9.94 -2.05
CA LEU A 181 -30.71 11.04 -1.58
C LEU A 181 -30.66 12.22 -2.54
N VAL A 182 -29.46 12.70 -2.87
CA VAL A 182 -29.34 13.87 -3.74
C VAL A 182 -29.89 13.55 -5.12
N SER A 183 -29.65 12.33 -5.61
CA SER A 183 -30.16 11.95 -6.92
C SER A 183 -31.68 12.03 -6.97
N ALA A 184 -32.35 11.71 -5.85
CA ALA A 184 -33.79 11.85 -5.76
C ALA A 184 -34.23 13.27 -5.45
N GLY A 185 -33.31 14.24 -5.49
CA GLY A 185 -33.66 15.63 -5.25
C GLY A 185 -33.70 16.05 -3.80
N GLY A 186 -33.21 15.22 -2.88
CA GLY A 186 -33.23 15.53 -1.47
C GLY A 186 -31.93 16.15 -0.99
N SER A 187 -31.87 16.38 0.33
CA SER A 187 -30.69 16.96 0.96
C SER A 187 -30.78 16.72 2.46
N VAL A 188 -29.63 16.44 3.07
CA VAL A 188 -29.59 16.25 4.52
C VAL A 188 -29.78 17.58 5.23
N LEU A 189 -29.06 18.59 4.78
CA LEU A 189 -29.07 19.91 5.41
C LEU A 189 -29.39 20.98 4.37
N SER A 190 -29.70 22.16 4.89
CA SER A 190 -29.92 23.33 4.06
C SER A 190 -28.59 23.91 3.59
N GLU A 191 -28.65 24.98 2.81
CA GLU A 191 -27.43 25.56 2.20
C GLU A 191 -26.37 25.88 3.26
N ASP A 192 -26.77 26.29 4.46
CA ASP A 192 -25.81 26.75 5.51
C ASP A 192 -25.55 25.65 6.52
N GLY A 193 -26.04 24.44 6.32
CA GLY A 193 -25.92 23.40 7.31
C GLY A 193 -26.54 23.75 8.64
N ARG A 194 -27.53 24.64 8.66
CA ARG A 194 -28.21 25.01 9.89
C ARG A 194 -29.52 24.27 10.09
N HIS A 195 -30.23 23.92 9.03
CA HIS A 195 -31.51 23.24 9.12
C HIS A 195 -31.41 21.82 8.56
N VAL A 196 -32.17 20.92 9.17
CA VAL A 196 -32.29 19.54 8.67
C VAL A 196 -33.42 19.50 7.66
N THR A 197 -33.10 19.08 6.43
CA THR A 197 -34.06 19.06 5.33
C THR A 197 -34.37 17.64 4.86
N LEU A 198 -34.35 16.67 5.77
CA LEU A 198 -34.66 15.30 5.38
C LEU A 198 -36.17 15.08 5.26
N THR A 199 -36.96 15.72 6.14
CA THR A 199 -38.40 15.48 6.17
C THR A 199 -39.19 16.77 6.32
N ASP A 200 -38.59 17.92 6.04
CA ASP A 200 -39.24 19.19 6.35
C ASP A 200 -40.36 19.53 5.38
N THR A 201 -40.34 18.99 4.16
CA THR A 201 -41.38 19.18 3.18
C THR A 201 -41.81 17.83 2.65
N PRO A 202 -43.03 17.73 2.11
CA PRO A 202 -43.44 16.44 1.53
C PRO A 202 -42.48 15.94 0.45
N ALA A 203 -41.96 16.85 -0.38
CA ALA A 203 -41.06 16.44 -1.46
C ALA A 203 -39.74 15.92 -0.90
N HIS A 204 -39.15 16.63 0.05
CA HIS A 204 -37.91 16.17 0.65
C HIS A 204 -38.08 14.81 1.30
N ARG A 205 -39.21 14.59 1.99
CA ARG A 205 -39.45 13.31 2.62
C ARG A 205 -39.50 12.19 1.60
N ALA A 206 -40.10 12.46 0.43
CA ALA A 206 -40.15 11.45 -0.63
C ALA A 206 -38.76 11.08 -1.11
N ALA A 207 -37.87 12.07 -1.23
CA ALA A 207 -36.50 11.79 -1.64
C ALA A 207 -35.81 10.89 -0.63
N THR A 208 -35.94 11.23 0.67
CA THR A 208 -35.38 10.39 1.71
C THR A 208 -35.95 8.99 1.65
N VAL A 209 -37.28 8.88 1.52
CA VAL A 209 -37.92 7.57 1.47
C VAL A 209 -37.42 6.77 0.28
N SER A 210 -37.29 7.42 -0.88
CA SER A 210 -36.75 6.74 -2.05
C SER A 210 -35.39 6.12 -1.74
N ALA A 211 -34.47 6.92 -1.19
CA ALA A 211 -33.13 6.42 -0.92
C ALA A 211 -33.15 5.27 0.08
N LEU A 212 -33.97 5.38 1.13
CA LEU A 212 -34.05 4.30 2.10
C LEU A 212 -34.63 3.03 1.47
N GLN A 213 -35.61 3.19 0.57
CA GLN A 213 -36.17 2.03 -0.11
C GLN A 213 -35.10 1.29 -0.90
N ILE A 214 -34.22 2.03 -1.58
CA ILE A 214 -33.19 1.38 -2.39
C ILE A 214 -32.21 0.64 -1.50
N LEU A 215 -31.72 1.30 -0.45
CA LEU A 215 -30.86 0.63 0.52
C LEU A 215 -31.50 -0.66 1.00
N LYS A 216 -32.77 -0.60 1.40
CA LYS A 216 -33.46 -1.75 1.95
C LYS A 216 -33.72 -2.81 0.87
N SER A 217 -34.04 -2.36 -0.34
CA SER A 217 -34.28 -3.31 -1.43
C SER A 217 -33.04 -4.14 -1.73
N VAL A 218 -31.88 -3.47 -1.81
CA VAL A 218 -30.63 -4.19 -2.06
C VAL A 218 -30.37 -5.20 -0.95
N ALA A 219 -30.64 -4.80 0.29
CA ALA A 219 -30.32 -5.66 1.43
C ALA A 219 -31.14 -6.94 1.42
N THR A 220 -32.34 -6.90 0.84
CA THR A 220 -33.27 -8.03 0.87
C THR A 220 -33.44 -8.68 -0.49
N THR A 221 -32.60 -8.35 -1.46
CA THR A 221 -32.68 -9.00 -2.76
C THR A 221 -32.26 -10.46 -2.64
N PRO A 222 -32.93 -11.37 -3.35
CA PRO A 222 -32.50 -12.77 -3.33
C PRO A 222 -31.01 -12.92 -3.65
N GLY A 223 -30.33 -13.75 -2.86
CA GLY A 223 -28.93 -14.03 -3.11
C GLY A 223 -28.01 -12.88 -2.79
N ALA A 224 -28.37 -12.07 -1.79
CA ALA A 224 -27.59 -10.89 -1.46
C ALA A 224 -26.30 -11.24 -0.75
N ASP A 225 -25.36 -10.30 -0.78
CA ASP A 225 -24.09 -10.46 -0.08
C ASP A 225 -24.34 -10.56 1.42
N PRO A 226 -23.85 -11.62 2.09
CA PRO A 226 -24.08 -11.74 3.54
C PRO A 226 -23.39 -10.67 4.37
N SER A 227 -22.34 -10.03 3.86
CA SER A 227 -21.82 -8.86 4.57
C SER A 227 -22.89 -7.79 4.74
N ILE A 228 -23.92 -7.80 3.90
CA ILE A 228 -25.03 -6.86 4.04
C ILE A 228 -26.16 -7.47 4.88
N THR A 229 -26.53 -8.73 4.57
CA THR A 229 -27.68 -9.35 5.23
C THR A 229 -27.41 -9.69 6.68
N ARG A 230 -26.16 -9.96 7.03
CA ARG A 230 -25.77 -10.36 8.40
C ARG A 230 -24.82 -9.31 8.96
N THR A 231 -24.71 -8.15 8.31
CA THR A 231 -23.86 -7.03 8.78
C THR A 231 -22.48 -7.56 9.19
N GLU A 232 -21.79 -8.24 8.29
CA GLU A 232 -20.45 -8.82 8.55
C GLU A 232 -19.38 -7.97 7.87
N GLU A 233 -18.10 -8.19 8.20
CA GLU A 233 -17.01 -7.51 7.52
C GLU A 233 -16.82 -8.11 6.13
N GLY A 234 -16.40 -7.28 5.19
CA GLY A 234 -16.22 -7.73 3.83
C GLY A 234 -15.41 -6.76 3.01
N SER A 235 -15.63 -6.82 1.71
CA SER A 235 -14.92 -5.95 0.77
C SER A 235 -15.60 -6.02 -0.59
N ALA A 236 -16.20 -4.92 -1.04
CA ALA A 236 -16.83 -4.88 -2.36
C ALA A 236 -15.81 -5.26 -3.43
N ARG A 237 -14.61 -4.69 -3.36
CA ARG A 237 -13.59 -4.94 -4.38
C ARG A 237 -13.28 -6.43 -4.48
N LEU A 238 -13.01 -7.08 -3.35
CA LEU A 238 -12.62 -8.49 -3.39
C LEU A 238 -13.77 -9.37 -3.85
N ALA A 239 -15.00 -9.06 -3.43
CA ALA A 239 -16.15 -9.86 -3.85
C ALA A 239 -16.24 -9.93 -5.37
N PHE A 240 -16.03 -8.79 -6.05
CA PHE A 240 -16.09 -8.77 -7.50
C PHE A 240 -14.89 -9.50 -8.10
N GLU A 241 -13.69 -9.20 -7.61
CA GLU A 241 -12.49 -9.85 -8.14
C GLU A 241 -12.53 -11.36 -7.95
N GLN A 242 -13.14 -11.83 -6.86
CA GLN A 242 -13.21 -13.27 -6.61
C GLN A 242 -14.36 -13.96 -7.33
N GLY A 243 -15.23 -13.21 -8.00
CA GLY A 243 -16.30 -13.81 -8.79
C GLY A 243 -17.59 -14.06 -8.06
N LYS A 244 -17.81 -13.45 -6.90
CA LYS A 244 -19.04 -13.61 -6.14
C LYS A 244 -20.06 -12.51 -6.42
N ALA A 245 -19.64 -11.44 -7.08
CA ALA A 245 -20.53 -10.35 -7.46
C ALA A 245 -20.34 -10.06 -8.94
N ALA A 246 -21.44 -9.96 -9.68
CA ALA A 246 -21.41 -9.54 -11.08
C ALA A 246 -21.65 -8.05 -11.24
N LEU A 247 -21.98 -7.35 -10.16
CA LEU A 247 -22.25 -5.93 -10.18
C LEU A 247 -21.59 -5.28 -8.98
N GLU A 248 -20.99 -4.11 -9.19
CA GLU A 248 -20.28 -3.41 -8.14
C GLU A 248 -20.34 -1.91 -8.42
N VAL A 249 -20.54 -1.13 -7.36
CA VAL A 249 -20.30 0.30 -7.38
C VAL A 249 -19.12 0.57 -6.46
N ASN A 250 -18.14 1.33 -6.94
CA ASN A 250 -16.91 1.54 -6.19
C ASN A 250 -16.07 2.58 -6.92
N TRP A 251 -15.10 3.12 -6.19
CA TRP A 251 -14.19 4.09 -6.76
C TRP A 251 -13.32 3.46 -7.84
N PRO A 252 -12.73 4.27 -8.71
CA PRO A 252 -12.03 3.72 -9.89
C PRO A 252 -10.75 2.97 -9.56
N PHE A 253 -10.28 2.98 -8.31
CA PHE A 253 -9.09 2.22 -7.98
C PHE A 253 -9.30 0.72 -8.15
N VAL A 254 -10.54 0.25 -8.31
CA VAL A 254 -10.75 -1.17 -8.58
C VAL A 254 -10.30 -1.53 -10.00
N PHE A 255 -10.17 -0.54 -10.89
CA PHE A 255 -9.71 -0.82 -12.24
C PHE A 255 -8.24 -1.26 -12.24
N ALA A 256 -7.38 -0.45 -11.61
CA ALA A 256 -5.97 -0.82 -11.53
C ALA A 256 -5.79 -2.09 -10.71
N SER A 257 -6.56 -2.24 -9.63
CA SER A 257 -6.46 -3.44 -8.81
C SER A 257 -6.88 -4.68 -9.59
N MET A 258 -7.92 -4.57 -10.42
CA MET A 258 -8.33 -5.70 -11.24
C MET A 258 -7.20 -6.17 -12.16
N LEU A 259 -6.60 -5.24 -12.89
CA LEU A 259 -5.56 -5.61 -13.84
C LEU A 259 -4.35 -6.20 -13.13
N GLU A 260 -3.91 -5.56 -12.05
CA GLU A 260 -2.72 -6.05 -11.34
C GLU A 260 -2.97 -7.43 -10.75
N ASN A 261 -4.10 -7.60 -10.06
CA ASN A 261 -4.40 -8.88 -9.44
C ASN A 261 -4.67 -9.96 -10.49
N ALA A 262 -5.28 -9.58 -11.62
CA ALA A 262 -5.48 -10.55 -12.70
C ALA A 262 -4.13 -11.01 -13.27
N VAL A 263 -3.19 -10.08 -13.46
CA VAL A 263 -1.89 -10.46 -13.98
C VAL A 263 -1.15 -11.36 -13.00
N LYS A 264 -1.39 -11.17 -11.71
CA LYS A 264 -0.79 -12.04 -10.69
C LYS A 264 -1.52 -13.37 -10.54
N GLY A 265 -2.60 -13.58 -11.29
CA GLY A 265 -3.31 -14.84 -11.25
C GLY A 265 -4.35 -14.96 -10.16
N GLY A 266 -4.76 -13.85 -9.56
CA GLY A 266 -5.74 -13.85 -8.49
C GLY A 266 -7.16 -13.54 -8.92
N VAL A 267 -7.44 -13.48 -10.21
CA VAL A 267 -8.78 -13.26 -10.72
C VAL A 267 -9.16 -14.45 -11.59
N PRO A 268 -10.00 -15.36 -11.07
CA PRO A 268 -10.18 -16.64 -11.77
C PRO A 268 -10.86 -16.52 -13.13
N PHE A 269 -11.68 -15.50 -13.35
CA PHE A 269 -12.35 -15.34 -14.64
C PHE A 269 -11.58 -14.44 -15.60
N LEU A 270 -10.33 -14.09 -15.28
CA LEU A 270 -9.55 -13.17 -16.11
C LEU A 270 -8.07 -13.51 -15.97
N PRO A 271 -7.60 -14.49 -16.75
CA PRO A 271 -6.19 -14.94 -16.61
C PRO A 271 -5.19 -14.15 -17.45
N LEU A 272 -5.01 -12.88 -17.09
CA LEU A 272 -3.99 -12.07 -17.73
C LEU A 272 -2.59 -12.61 -17.47
N ASN A 273 -2.43 -13.43 -16.43
CA ASN A 273 -1.12 -14.01 -16.11
C ASN A 273 -0.63 -14.93 -17.21
N ARG A 274 -1.50 -15.38 -18.11
CA ARG A 274 -1.12 -16.32 -19.16
C ARG A 274 -0.76 -15.65 -20.48
N ILE A 275 -0.93 -14.34 -20.60
CA ILE A 275 -0.67 -13.65 -21.86
C ILE A 275 0.83 -13.42 -22.02
N PRO A 276 1.44 -13.92 -23.11
CA PRO A 276 2.90 -13.82 -23.21
C PRO A 276 3.41 -12.39 -23.20
N GLN A 277 2.69 -11.47 -23.82
CA GLN A 277 3.14 -10.09 -23.92
C GLN A 277 3.28 -9.41 -22.56
N LEU A 278 2.62 -9.93 -21.53
CA LEU A 278 2.64 -9.32 -20.21
C LEU A 278 3.70 -9.91 -19.29
N ALA A 279 4.59 -10.75 -19.82
CA ALA A 279 5.67 -11.29 -19.00
C ALA A 279 6.61 -10.18 -18.54
N GLY A 280 6.98 -10.23 -17.27
CA GLY A 280 7.89 -9.26 -16.69
C GLY A 280 7.28 -7.92 -16.31
N SER A 281 5.98 -7.75 -16.48
CA SER A 281 5.34 -6.47 -16.20
C SER A 281 5.06 -6.25 -14.72
N ILE A 282 5.39 -7.21 -13.86
CA ILE A 282 5.31 -7.05 -12.41
C ILE A 282 6.71 -6.71 -11.91
N ASN A 283 6.87 -5.50 -11.37
CA ASN A 283 8.20 -4.99 -11.04
C ASN A 283 8.66 -5.55 -9.70
N ASP A 284 9.82 -5.06 -9.21
CA ASP A 284 10.49 -5.67 -8.07
C ASP A 284 9.82 -5.39 -6.74
N ILE A 285 8.72 -4.64 -6.73
CA ILE A 285 7.93 -4.42 -5.51
C ILE A 285 6.51 -4.92 -5.68
N GLY A 286 6.23 -5.70 -6.73
CA GLY A 286 4.94 -6.33 -6.91
C GLY A 286 3.88 -5.46 -7.54
N THR A 287 4.26 -4.42 -8.27
CA THR A 287 3.32 -3.51 -8.90
C THR A 287 3.29 -3.76 -10.41
N PHE A 288 2.08 -3.77 -10.97
CA PHE A 288 1.88 -3.90 -12.40
C PHE A 288 2.27 -2.59 -13.08
N THR A 289 3.43 -2.57 -13.74
CA THR A 289 3.97 -1.37 -14.35
C THR A 289 4.17 -1.64 -15.84
N PRO A 290 3.10 -1.59 -16.62
CA PRO A 290 3.18 -1.96 -18.04
C PRO A 290 3.60 -0.79 -18.93
N SER A 291 4.15 -1.15 -20.08
CA SER A 291 4.34 -0.19 -21.16
C SER A 291 2.98 0.20 -21.73
N ASP A 292 2.99 1.19 -22.62
CA ASP A 292 1.75 1.64 -23.23
C ASP A 292 1.06 0.50 -23.97
N GLU A 293 1.83 -0.31 -24.70
CA GLU A 293 1.23 -1.42 -25.46
C GLU A 293 0.79 -2.53 -24.52
N GLN A 294 1.61 -2.88 -23.52
CA GLN A 294 1.19 -3.86 -22.54
C GLN A 294 -0.11 -3.44 -21.86
N PHE A 295 -0.24 -2.15 -21.54
CA PHE A 295 -1.48 -1.66 -20.95
C PHE A 295 -2.65 -1.94 -21.89
N ARG A 296 -2.52 -1.53 -23.16
CA ARG A 296 -3.64 -1.66 -24.08
C ARG A 296 -3.98 -3.11 -24.34
N ILE A 297 -3.00 -4.02 -24.24
CA ILE A 297 -3.29 -5.44 -24.31
C ILE A 297 -4.08 -5.90 -23.10
N ALA A 298 -3.61 -5.56 -21.89
CA ALA A 298 -4.30 -6.00 -20.69
C ALA A 298 -5.72 -5.44 -20.62
N TYR A 299 -5.90 -4.17 -20.98
CA TYR A 299 -7.23 -3.57 -20.96
C TYR A 299 -8.13 -4.18 -22.02
N ASP A 300 -7.60 -4.45 -23.21
CA ASP A 300 -8.39 -5.06 -24.26
C ASP A 300 -8.87 -6.44 -23.85
N ALA A 301 -7.97 -7.26 -23.31
CA ALA A 301 -8.36 -8.60 -22.87
C ALA A 301 -9.31 -8.54 -21.68
N SER A 302 -9.21 -7.51 -20.84
CA SER A 302 -10.11 -7.41 -19.70
C SER A 302 -11.54 -7.10 -20.14
N GLN A 303 -11.70 -6.49 -21.31
CA GLN A 303 -13.02 -6.04 -21.74
C GLN A 303 -13.99 -7.20 -21.91
N GLN A 304 -13.49 -8.40 -22.18
CA GLN A 304 -14.39 -9.54 -22.38
C GLN A 304 -15.17 -9.84 -21.11
N VAL A 305 -14.61 -9.50 -19.95
CA VAL A 305 -15.17 -9.93 -18.65
C VAL A 305 -15.26 -8.80 -17.65
N PHE A 306 -14.89 -7.57 -18.00
CA PHE A 306 -14.80 -6.47 -17.04
C PHE A 306 -15.23 -5.19 -17.74
N GLY A 307 -16.35 -4.61 -17.30
CA GLY A 307 -16.88 -3.40 -17.90
C GLY A 307 -17.20 -2.38 -16.84
N PHE A 308 -17.39 -1.14 -17.31
CA PHE A 308 -17.72 -0.01 -16.43
C PHE A 308 -18.84 0.79 -17.07
N ALA A 309 -19.56 1.53 -16.25
CA ALA A 309 -20.72 2.28 -16.71
C ALA A 309 -21.07 3.34 -15.68
N PRO A 310 -22.00 4.24 -16.00
CA PRO A 310 -22.40 5.25 -15.02
C PRO A 310 -23.04 4.64 -13.78
N TYR A 311 -22.86 5.31 -12.65
CA TYR A 311 -23.56 4.96 -11.42
C TYR A 311 -25.05 4.85 -11.70
N PRO A 312 -25.73 3.80 -11.22
CA PRO A 312 -27.16 3.64 -11.55
C PRO A 312 -27.97 4.82 -11.04
N ALA A 313 -28.96 5.21 -11.83
CA ALA A 313 -29.82 6.32 -11.47
C ALA A 313 -30.87 5.88 -10.44
N VAL A 314 -31.48 6.87 -9.80
CA VAL A 314 -32.63 6.66 -8.93
C VAL A 314 -33.87 6.81 -9.80
N ALA A 315 -34.08 8.01 -10.31
CA ALA A 315 -35.19 8.27 -11.22
C ALA A 315 -34.90 7.69 -12.60
N PRO A 316 -35.92 7.28 -13.34
CA PRO A 316 -35.66 6.63 -14.64
C PRO A 316 -34.74 7.43 -15.54
N GLY A 317 -35.02 8.72 -15.72
CA GLY A 317 -34.28 9.53 -16.72
C GLY A 317 -33.11 10.36 -16.20
N GLN A 318 -33.10 10.76 -14.93
CA GLN A 318 -32.04 11.67 -14.42
C GLN A 318 -30.73 10.93 -14.19
N PRO A 319 -29.61 11.35 -14.80
CA PRO A 319 -28.32 10.76 -14.48
C PRO A 319 -28.06 10.97 -12.98
N ALA A 320 -27.34 10.06 -12.33
CA ALA A 320 -27.16 10.14 -10.89
C ALA A 320 -26.32 11.35 -10.51
N LYS A 321 -26.54 11.83 -9.29
CA LYS A 321 -25.70 12.85 -8.66
C LYS A 321 -24.83 12.10 -7.66
N VAL A 322 -23.59 11.81 -8.05
CA VAL A 322 -22.74 10.89 -7.33
C VAL A 322 -21.84 11.65 -6.36
N THR A 323 -21.86 11.23 -5.09
CA THR A 323 -21.06 11.87 -4.08
C THR A 323 -19.59 11.89 -4.47
N ILE A 324 -18.97 13.05 -4.32
CA ILE A 324 -17.60 13.29 -4.73
C ILE A 324 -16.67 13.11 -3.55
N GLY A 325 -15.45 12.65 -3.84
CA GLY A 325 -14.43 12.51 -2.83
C GLY A 325 -13.17 13.26 -3.23
N GLY A 326 -12.06 13.04 -2.52
CA GLY A 326 -10.80 13.62 -2.91
C GLY A 326 -10.18 14.57 -1.91
N LEU A 327 -9.26 15.42 -2.39
CA LEU A 327 -8.44 16.26 -1.53
C LEU A 327 -8.44 17.71 -2.01
N ASN A 328 -8.42 18.63 -1.06
CA ASN A 328 -8.24 20.05 -1.32
C ASN A 328 -6.99 20.54 -0.60
N LEU A 329 -6.31 21.51 -1.20
CA LEU A 329 -5.11 22.09 -0.61
C LEU A 329 -5.48 23.37 0.11
N ALA A 330 -5.07 23.46 1.38
CA ALA A 330 -5.39 24.61 2.21
C ALA A 330 -4.11 25.09 2.89
N VAL A 331 -4.05 26.40 3.13
CA VAL A 331 -2.96 27.03 3.87
C VAL A 331 -3.41 27.19 5.31
N ALA A 332 -2.59 26.70 6.25
CA ALA A 332 -2.93 26.76 7.65
C ALA A 332 -2.70 28.16 8.21
N LYS A 333 -3.50 28.53 9.22
CA LYS A 333 -3.42 29.86 9.87
C LYS A 333 -2.11 29.94 10.65
N THR A 334 -1.45 28.81 10.87
CA THR A 334 -0.19 28.73 11.64
C THR A 334 1.02 29.13 10.80
N THR A 335 0.87 29.38 9.51
CA THR A 335 2.02 29.60 8.67
C THR A 335 2.68 30.94 8.98
N ARG A 336 4.00 30.96 8.93
CA ARG A 336 4.76 32.20 9.02
C ARG A 336 5.03 32.84 7.67
N HIS A 337 4.87 32.07 6.60
CA HIS A 337 5.19 32.57 5.24
CA HIS A 337 5.20 32.56 5.24
C HIS A 337 4.01 32.34 4.28
N ARG A 338 2.96 33.11 4.50
CA ARG A 338 1.74 32.97 3.68
C ARG A 338 2.04 33.07 2.17
N ALA A 339 2.90 33.99 1.74
CA ALA A 339 3.10 34.20 0.31
C ALA A 339 3.65 32.94 -0.34
N GLU A 340 4.70 32.34 0.25
CA GLU A 340 5.26 31.12 -0.30
C GLU A 340 4.31 29.94 -0.19
N ALA A 341 3.50 29.88 0.88
CA ALA A 341 2.58 28.77 1.04
C ALA A 341 1.55 28.74 -0.09
N PHE A 342 0.96 29.91 -0.40
CA PHE A 342 -0.02 29.97 -1.47
C PHE A 342 0.64 29.75 -2.83
N GLU A 343 1.87 30.22 -3.01
CA GLU A 343 2.58 29.94 -4.26
C GLU A 343 2.82 28.44 -4.40
N ALA A 344 3.16 27.76 -3.29
CA ALA A 344 3.34 26.32 -3.34
C ALA A 344 2.06 25.61 -3.76
N VAL A 345 0.91 26.06 -3.22
CA VAL A 345 -0.36 25.44 -3.60
C VAL A 345 -0.58 25.53 -5.10
N ARG A 346 -0.25 26.68 -5.69
CA ARG A 346 -0.46 26.86 -7.12
C ARG A 346 0.44 25.91 -7.93
N CYS A 347 1.70 25.75 -7.52
CA CYS A 347 2.60 24.87 -8.25
C CYS A 347 2.19 23.41 -8.12
N LEU A 348 1.81 23.00 -6.91
CA LEU A 348 1.45 21.62 -6.66
C LEU A 348 0.25 21.17 -7.48
N ARG A 349 -0.55 22.11 -7.98
CA ARG A 349 -1.78 21.78 -8.71
C ARG A 349 -1.77 22.27 -10.14
N ASP A 350 -0.60 22.54 -10.71
CA ASP A 350 -0.53 22.98 -12.09
C ASP A 350 -0.76 21.78 -13.03
N GLN A 351 -0.75 22.06 -14.33
CA GLN A 351 -1.19 21.05 -15.30
C GLN A 351 -0.27 19.84 -15.32
N HIS A 352 1.04 20.07 -15.31
CA HIS A 352 1.97 18.95 -15.38
C HIS A 352 1.86 18.07 -14.14
N ASN A 353 1.74 18.68 -12.97
CA ASN A 353 1.62 17.90 -11.74
C ASN A 353 0.24 17.25 -11.64
N GLN A 354 -0.78 17.88 -12.22
CA GLN A 354 -2.07 17.21 -12.33
C GLN A 354 -1.96 15.96 -13.20
N ARG A 355 -1.25 16.06 -14.31
CA ARG A 355 -1.04 14.88 -15.17
C ARG A 355 -0.29 13.84 -14.35
N TYR A 356 0.65 14.24 -13.52
CA TYR A 356 1.46 13.25 -12.78
C TYR A 356 0.62 12.50 -11.74
N VAL A 357 -0.16 13.20 -10.93
CA VAL A 357 -0.87 12.50 -9.86
C VAL A 357 -1.88 11.52 -10.46
N SER A 358 -2.41 11.83 -11.65
CA SER A 358 -3.35 10.93 -12.29
C SER A 358 -2.64 9.71 -12.86
N LEU A 359 -1.59 9.94 -13.66
CA LEU A 359 -0.95 8.84 -14.38
C LEU A 359 -0.06 8.01 -13.48
N GLU A 360 0.75 8.65 -12.64
CA GLU A 360 1.66 7.92 -11.77
C GLU A 360 1.09 7.67 -10.38
N GLY A 361 0.08 8.44 -9.96
CA GLY A 361 -0.46 8.30 -8.63
C GLY A 361 -1.82 7.65 -8.54
N GLY A 362 -2.49 7.48 -9.69
CA GLY A 362 -3.80 6.89 -9.68
C GLY A 362 -4.87 7.75 -9.04
N LEU A 363 -4.64 9.05 -8.96
CA LEU A 363 -5.60 9.97 -8.35
C LEU A 363 -6.25 10.83 -9.42
N PRO A 364 -7.56 10.70 -9.64
CA PRO A 364 -8.21 11.54 -10.66
C PRO A 364 -7.90 13.01 -10.46
N ALA A 365 -7.51 13.68 -11.54
CA ALA A 365 -7.19 15.09 -11.49
C ALA A 365 -8.47 15.93 -11.46
N VAL A 366 -8.31 17.19 -11.05
CA VAL A 366 -9.45 18.11 -10.98
C VAL A 366 -9.48 19.08 -12.14
N ARG A 367 -8.41 19.17 -12.94
CA ARG A 367 -8.35 20.12 -14.04
C ARG A 367 -9.14 19.58 -15.22
N ALA A 368 -10.14 20.34 -15.66
CA ALA A 368 -11.00 19.90 -16.76
C ALA A 368 -10.17 19.60 -18.00
N SER A 369 -9.10 20.36 -18.23
CA SER A 369 -8.33 20.20 -19.46
C SER A 369 -7.72 18.80 -19.57
N LEU A 370 -7.48 18.15 -18.44
CA LEU A 370 -6.85 16.83 -18.47
C LEU A 370 -7.76 15.75 -19.02
N TYR A 371 -9.08 15.94 -18.95
CA TYR A 371 -10.02 14.98 -19.51
C TYR A 371 -10.13 15.09 -21.02
N SER A 372 -9.33 15.96 -21.62
CA SER A 372 -9.12 15.99 -23.06
C SER A 372 -7.75 15.46 -23.46
N ASP A 373 -6.84 15.26 -22.51
CA ASP A 373 -5.48 14.85 -22.82
C ASP A 373 -5.46 13.42 -23.33
N PRO A 374 -4.83 13.15 -24.49
CA PRO A 374 -4.85 11.77 -25.01
C PRO A 374 -4.16 10.77 -24.09
N GLN A 375 -3.06 11.18 -23.45
CA GLN A 375 -2.38 10.28 -22.53
C GLN A 375 -3.27 9.93 -21.34
N PHE A 376 -3.97 10.92 -20.79
CA PHE A 376 -4.92 10.66 -19.71
C PHE A 376 -6.02 9.73 -20.18
N GLN A 377 -6.55 9.94 -21.39
CA GLN A 377 -7.61 9.09 -21.89
C GLN A 377 -7.13 7.68 -22.16
N ALA A 378 -5.84 7.53 -22.46
CA ALA A 378 -5.28 6.20 -22.68
C ALA A 378 -5.36 5.37 -21.41
N LYS A 379 -4.99 5.96 -20.27
CA LYS A 379 -4.93 5.23 -19.01
C LYS A 379 -6.21 5.31 -18.20
N TYR A 380 -7.14 6.20 -18.56
CA TYR A 380 -8.46 6.28 -17.94
C TYR A 380 -9.55 6.11 -18.99
N PRO A 381 -9.68 4.91 -19.56
CA PRO A 381 -10.70 4.70 -20.60
C PRO A 381 -12.11 5.12 -20.17
N MET A 382 -12.36 5.15 -18.86
CA MET A 382 -13.62 5.66 -18.33
C MET A 382 -13.59 7.17 -18.06
N HIS A 383 -12.67 7.89 -18.71
CA HIS A 383 -12.52 9.32 -18.44
C HIS A 383 -13.82 10.07 -18.68
N ALA A 384 -14.58 9.67 -19.70
CA ALA A 384 -15.76 10.44 -20.07
C ALA A 384 -16.87 10.31 -19.03
N ILE A 385 -17.02 9.12 -18.45
CA ILE A 385 -17.99 8.95 -17.38
C ILE A 385 -17.56 9.76 -16.15
N ILE A 386 -16.28 9.69 -15.79
CA ILE A 386 -15.80 10.44 -14.64
C ILE A 386 -16.04 11.92 -14.83
N ARG A 387 -15.63 12.45 -16.00
CA ARG A 387 -15.81 13.86 -16.26
C ARG A 387 -17.26 14.27 -16.08
N GLN A 388 -18.20 13.45 -16.55
CA GLN A 388 -19.60 13.79 -16.45
C GLN A 388 -20.07 13.78 -15.00
N GLN A 389 -19.65 12.78 -14.22
CA GLN A 389 -20.05 12.68 -12.83
C GLN A 389 -19.35 13.70 -11.95
N LEU A 390 -18.18 14.19 -12.35
CA LEU A 390 -17.52 15.25 -11.60
C LEU A 390 -18.14 16.61 -11.87
N THR A 391 -18.69 16.81 -13.06
CA THR A 391 -19.32 18.06 -13.41
C THR A 391 -20.73 18.17 -12.83
N ASP A 392 -21.37 17.03 -12.58
CA ASP A 392 -22.74 17.00 -12.07
C ASP A 392 -22.80 16.20 -10.77
N ALA A 393 -21.95 16.56 -9.82
CA ALA A 393 -21.74 15.75 -8.64
C ALA A 393 -22.74 16.08 -7.52
N ALA A 394 -22.82 15.16 -6.57
CA ALA A 394 -23.46 15.39 -5.29
C ALA A 394 -22.38 15.64 -4.25
N VAL A 395 -22.65 16.55 -3.32
CA VAL A 395 -21.70 16.90 -2.26
C VAL A 395 -22.30 16.50 -0.92
N ARG A 396 -21.47 15.90 -0.07
CA ARG A 396 -21.91 15.56 1.27
C ARG A 396 -22.25 16.84 2.03
N PRO A 397 -23.12 16.74 3.03
CA PRO A 397 -23.52 17.96 3.77
C PRO A 397 -22.30 18.70 4.32
N ALA A 398 -22.25 19.99 4.03
CA ALA A 398 -21.14 20.84 4.47
C ALA A 398 -21.54 21.49 5.79
N THR A 399 -20.92 21.04 6.88
CA THR A 399 -21.22 21.54 8.21
C THR A 399 -19.99 21.36 9.08
N PRO A 400 -19.75 22.27 10.03
CA PRO A 400 -18.62 22.08 10.95
C PRO A 400 -18.71 20.82 11.80
N VAL A 401 -19.90 20.26 11.97
CA VAL A 401 -20.07 19.10 12.84
C VAL A 401 -20.24 17.85 11.99
N TYR A 402 -19.59 17.80 10.83
CA TYR A 402 -19.80 16.65 9.95
C TYR A 402 -19.49 15.34 10.64
N GLN A 403 -18.42 15.30 11.44
CA GLN A 403 -18.00 14.05 12.05
C GLN A 403 -19.09 13.48 12.95
N ALA A 404 -19.71 14.34 13.76
CA ALA A 404 -20.81 13.86 14.61
C ALA A 404 -22.03 13.51 13.76
N LEU A 405 -22.34 14.33 12.76
CA LEU A 405 -23.48 14.04 11.89
C LEU A 405 -23.32 12.69 11.21
N SER A 406 -22.16 12.43 10.63
CA SER A 406 -21.94 11.17 9.91
C SER A 406 -22.12 9.98 10.83
N ILE A 407 -21.44 10.00 11.99
CA ILE A 407 -21.55 8.89 12.94
C ILE A 407 -23.00 8.61 13.27
N ARG A 408 -23.79 9.68 13.45
CA ARG A 408 -25.18 9.50 13.84
C ARG A 408 -26.01 8.93 12.71
N LEU A 409 -25.83 9.43 11.49
CA LEU A 409 -26.54 8.86 10.35
C LEU A 409 -26.19 7.40 10.17
N ALA A 410 -24.91 7.06 10.28
CA ALA A 410 -24.48 5.68 10.07
C ALA A 410 -25.12 4.74 11.09
N ALA A 411 -25.27 5.20 12.34
CA ALA A 411 -25.83 4.33 13.37
C ALA A 411 -27.31 4.05 13.10
N VAL A 412 -28.03 5.04 12.58
CA VAL A 412 -29.44 4.83 12.24
C VAL A 412 -29.55 3.90 11.05
N LEU A 413 -28.79 4.18 9.98
CA LEU A 413 -28.95 3.43 8.73
C LEU A 413 -28.53 1.97 8.87
N SER A 414 -27.57 1.68 9.74
CA SER A 414 -27.05 0.32 9.86
C SER A 414 -27.68 -0.39 11.06
N PRO A 415 -28.04 -1.68 10.94
CA PRO A 415 -27.96 -2.51 9.73
C PRO A 415 -29.03 -2.16 8.70
N ILE A 416 -28.67 -2.11 7.42
CA ILE A 416 -29.62 -1.69 6.40
C ILE A 416 -30.74 -2.70 6.18
N THR A 417 -30.59 -3.93 6.70
CA THR A 417 -31.68 -4.88 6.64
C THR A 417 -32.83 -4.46 7.55
N GLU A 418 -32.55 -3.69 8.59
CA GLU A 418 -33.55 -3.30 9.57
C GLU A 418 -34.16 -1.94 9.27
N ILE A 419 -33.87 -1.36 8.11
CA ILE A 419 -34.48 -0.09 7.74
C ILE A 419 -35.98 -0.27 7.53
N ASP A 420 -36.76 0.66 8.06
CA ASP A 420 -38.17 0.81 7.74
C ASP A 420 -38.33 2.20 7.15
N PRO A 421 -38.38 2.34 5.81
CA PRO A 421 -38.21 3.68 5.20
C PRO A 421 -38.95 4.81 5.88
N GLU A 422 -40.23 4.62 6.20
CA GLU A 422 -41.02 5.70 6.77
C GLU A 422 -40.50 6.08 8.16
N SER A 423 -40.46 5.11 9.08
CA SER A 423 -40.04 5.43 10.44
C SER A 423 -38.55 5.75 10.52
N THR A 424 -37.74 5.11 9.69
CA THR A 424 -36.31 5.44 9.66
C THR A 424 -36.08 6.87 9.20
N ALA A 425 -36.87 7.32 8.21
CA ALA A 425 -36.74 8.69 7.73
C ALA A 425 -36.84 9.68 8.89
N ASP A 426 -37.85 9.49 9.75
CA ASP A 426 -38.01 10.39 10.89
C ASP A 426 -36.89 10.23 11.90
N GLU A 427 -36.42 9.00 12.11
CA GLU A 427 -35.32 8.79 13.05
C GLU A 427 -34.03 9.40 12.52
N LEU A 428 -33.83 9.33 11.19
CA LEU A 428 -32.69 10.00 10.59
C LEU A 428 -32.72 11.49 10.87
N ALA A 429 -33.88 12.13 10.67
CA ALA A 429 -33.98 13.57 10.84
C ALA A 429 -33.74 13.96 12.29
N ALA A 430 -34.30 13.19 13.23
CA ALA A 430 -34.14 13.53 14.65
C ALA A 430 -32.68 13.42 15.08
N GLN A 431 -31.95 12.42 14.56
CA GLN A 431 -30.55 12.27 14.94
C GLN A 431 -29.68 13.32 14.25
N ALA A 432 -30.01 13.68 13.02
CA ALA A 432 -29.29 14.77 12.35
C ALA A 432 -29.49 16.08 13.09
N GLN A 433 -30.69 16.29 13.64
CA GLN A 433 -30.96 17.52 14.40
C GLN A 433 -30.07 17.60 15.63
N LYS A 434 -29.82 16.46 16.29
CA LYS A 434 -29.02 16.47 17.51
C LYS A 434 -27.56 16.80 17.22
N ALA A 435 -27.07 16.45 16.02
CA ALA A 435 -25.69 16.82 15.67
C ALA A 435 -25.57 18.30 15.36
N ILE A 436 -26.54 18.86 14.64
CA ILE A 436 -26.52 20.28 14.30
C ILE A 436 -26.65 21.14 15.55
N ASP A 437 -27.07 20.56 16.67
CA ASP A 437 -27.14 21.29 17.94
C ASP A 437 -25.86 21.06 18.74
N GLY A 438 -24.75 21.50 18.15
CA GLY A 438 -23.45 21.36 18.78
C GLY A 438 -22.48 22.44 18.35
N GLN B 6 17.09 28.94 9.19
CA GLN B 6 15.89 28.94 10.01
C GLN B 6 15.69 27.57 10.66
N GLY B 7 16.80 26.92 10.97
CA GLY B 7 16.78 25.61 11.61
C GLY B 7 17.54 24.57 10.83
N LEU B 8 18.31 23.73 11.52
CA LEU B 8 19.12 22.71 10.88
C LEU B 8 18.27 21.45 10.69
N VAL B 9 18.34 20.87 9.50
CA VAL B 9 17.48 19.77 9.10
C VAL B 9 18.35 18.62 8.61
N VAL B 10 18.09 17.42 9.12
CA VAL B 10 18.78 16.20 8.69
C VAL B 10 17.80 15.40 7.85
N SER B 11 18.08 15.27 6.56
CA SER B 11 17.21 14.53 5.66
C SER B 11 17.37 13.03 5.91
N PHE B 12 16.26 12.30 5.74
CA PHE B 12 16.19 10.87 6.07
C PHE B 12 15.41 10.18 4.96
N TYR B 13 16.14 9.56 4.04
CA TYR B 13 15.56 8.96 2.84
C TYR B 13 15.22 7.51 3.08
N THR B 14 13.96 7.14 2.83
CA THR B 14 13.49 5.79 3.04
C THR B 14 12.54 5.39 1.93
N PRO B 15 12.28 4.08 1.77
CA PRO B 15 11.21 3.64 0.87
C PRO B 15 9.87 4.27 1.22
N ALA B 16 9.12 4.65 0.19
CA ALA B 16 7.79 5.19 0.42
C ALA B 16 6.89 4.17 1.09
N THR B 17 7.09 2.88 0.80
CA THR B 17 6.29 1.84 1.41
C THR B 17 6.17 2.03 2.92
N ASP B 18 7.25 2.48 3.56
CA ASP B 18 7.32 2.62 5.01
C ASP B 18 7.33 4.09 5.42
N GLY B 19 6.75 4.96 4.59
CA GLY B 19 6.84 6.39 4.85
C GLY B 19 6.15 6.80 6.13
N ALA B 20 4.93 6.30 6.36
CA ALA B 20 4.20 6.64 7.57
C ALA B 20 4.99 6.21 8.81
N THR B 21 5.50 4.98 8.80
CA THR B 21 6.25 4.47 9.95
C THR B 21 7.50 5.29 10.20
N PHE B 22 8.30 5.52 9.15
CA PHE B 22 9.57 6.22 9.34
C PHE B 22 9.34 7.71 9.60
N THR B 23 8.26 8.28 9.08
CA THR B 23 7.89 9.63 9.46
C THR B 23 7.59 9.70 10.95
N ALA B 24 6.86 8.70 11.47
CA ALA B 24 6.47 8.73 12.88
C ALA B 24 7.67 8.63 13.81
N ILE B 25 8.64 7.76 13.49
CA ILE B 25 9.79 7.66 14.38
C ILE B 25 10.68 8.89 14.24
N ALA B 26 10.75 9.49 13.04
CA ALA B 26 11.46 10.75 12.89
C ALA B 26 10.86 11.81 13.80
N GLN B 27 9.52 11.95 13.77
CA GLN B 27 8.87 12.95 14.61
C GLN B 27 9.10 12.65 16.09
N ARG B 28 9.08 11.38 16.47
CA ARG B 28 9.41 11.03 17.85
C ARG B 28 10.83 11.44 18.19
N CYS B 29 11.77 11.23 17.25
CA CYS B 29 13.16 11.60 17.48
C CYS B 29 13.31 13.11 17.61
N ASN B 30 12.59 13.88 16.79
CA ASN B 30 12.68 15.34 16.86
C ASN B 30 12.37 15.85 18.26
N GLN B 31 11.43 15.18 18.96
CA GLN B 31 11.07 15.59 20.31
C GLN B 31 12.28 15.69 21.22
N GLN B 32 13.25 14.79 21.06
CA GLN B 32 14.32 14.63 22.04
C GLN B 32 15.60 15.36 21.67
N PHE B 33 15.57 16.19 20.63
CA PHE B 33 16.76 16.94 20.22
C PHE B 33 16.79 18.34 20.80
N GLY B 34 15.78 18.73 21.58
CA GLY B 34 15.79 20.05 22.19
C GLY B 34 15.81 21.18 21.19
N GLY B 35 15.21 20.98 20.01
CA GLY B 35 15.23 21.99 18.99
C GLY B 35 16.58 22.28 18.38
N ARG B 36 17.60 21.47 18.68
CA ARG B 36 18.89 21.66 18.05
C ARG B 36 18.80 21.44 16.55
N PHE B 37 18.08 20.40 16.13
CA PHE B 37 17.84 20.12 14.72
C PHE B 37 16.63 19.20 14.63
N THR B 38 16.11 19.03 13.42
CA THR B 38 14.99 18.13 13.18
C THR B 38 15.34 17.17 12.04
N ILE B 39 14.73 15.99 12.08
CA ILE B 39 14.81 15.01 11.01
C ILE B 39 13.60 15.18 10.11
N ALA B 40 13.85 15.26 8.80
CA ALA B 40 12.79 15.25 7.79
C ALA B 40 12.91 13.97 7.00
N GLN B 41 11.91 13.09 7.12
CA GLN B 41 11.85 11.90 6.28
C GLN B 41 11.53 12.31 4.85
N VAL B 42 12.20 11.65 3.90
CA VAL B 42 11.94 11.85 2.47
C VAL B 42 11.66 10.49 1.85
N SER B 43 10.54 10.38 1.15
CA SER B 43 10.12 9.12 0.57
C SER B 43 10.75 8.94 -0.81
N LEU B 44 11.55 7.88 -0.97
CA LEU B 44 12.00 7.43 -2.28
C LEU B 44 10.88 6.64 -2.94
N PRO B 45 11.05 6.28 -4.21
CA PRO B 45 10.04 5.43 -4.87
C PRO B 45 9.87 4.09 -4.16
N ARG B 46 8.71 3.47 -4.40
CA ARG B 46 8.44 2.17 -3.81
C ARG B 46 9.34 1.08 -4.39
N SER B 47 9.72 1.21 -5.65
CA SER B 47 10.56 0.20 -6.29
C SER B 47 11.99 0.29 -5.74
N PRO B 48 12.53 -0.80 -5.18
CA PRO B 48 13.92 -0.72 -4.68
C PRO B 48 14.95 -0.28 -5.71
N ASN B 49 14.82 -0.71 -6.97
CA ASN B 49 15.82 -0.34 -7.95
C ASN B 49 15.78 1.15 -8.24
N GLU B 50 14.59 1.74 -8.27
CA GLU B 50 14.49 3.18 -8.47
C GLU B 50 14.96 3.95 -7.23
N GLN B 51 14.83 3.37 -6.05
CA GLN B 51 15.39 4.00 -4.85
C GLN B 51 16.89 4.16 -5.00
N ARG B 52 17.58 3.08 -5.33
CA ARG B 52 19.04 3.12 -5.51
C ARG B 52 19.42 4.11 -6.60
N LEU B 53 18.68 4.12 -7.71
CA LEU B 53 19.04 4.99 -8.82
C LEU B 53 18.95 6.45 -8.42
N GLN B 54 17.91 6.84 -7.68
CA GLN B 54 17.78 8.23 -7.27
C GLN B 54 18.86 8.59 -6.26
N LEU B 55 19.14 7.71 -5.30
CA LEU B 55 20.23 7.96 -4.36
C LEU B 55 21.54 8.17 -5.10
N ALA B 56 21.84 7.29 -6.06
CA ALA B 56 23.07 7.42 -6.84
C ALA B 56 23.13 8.77 -7.53
N ARG B 57 22.05 9.17 -8.20
CA ARG B 57 22.00 10.48 -8.83
C ARG B 57 22.35 11.57 -7.84
N ARG B 58 21.78 11.51 -6.63
CA ARG B 58 22.01 12.57 -5.66
C ARG B 58 23.43 12.54 -5.12
N LEU B 59 24.05 11.36 -5.03
CA LEU B 59 25.40 11.28 -4.47
C LEU B 59 26.44 11.76 -5.48
N THR B 60 26.36 11.27 -6.72
CA THR B 60 27.30 11.71 -7.74
C THR B 60 27.08 13.16 -8.13
N GLY B 61 25.85 13.66 -7.97
CA GLY B 61 25.56 15.06 -8.19
C GLY B 61 25.87 15.95 -7.00
N ASN B 62 26.45 15.39 -5.95
CA ASN B 62 26.88 16.12 -4.76
C ASN B 62 25.77 17.03 -4.23
N ASP B 63 24.60 16.43 -4.03
CA ASP B 63 23.49 17.11 -3.36
C ASP B 63 23.77 17.19 -1.87
N ARG B 64 24.07 18.40 -1.38
CA ARG B 64 24.54 18.57 -0.01
C ARG B 64 23.43 18.48 1.04
N THR B 65 22.17 18.39 0.62
CA THR B 65 21.07 18.23 1.56
C THR B 65 20.79 16.77 1.88
N LEU B 66 21.43 15.83 1.19
CA LEU B 66 21.30 14.41 1.47
C LEU B 66 22.17 14.05 2.68
N ASP B 67 21.52 13.57 3.75
CA ASP B 67 22.22 13.27 5.00
C ASP B 67 22.16 11.79 5.33
N VAL B 68 21.00 11.25 5.67
CA VAL B 68 20.84 9.87 6.09
C VAL B 68 19.98 9.12 5.08
N MET B 69 20.35 7.88 4.79
CA MET B 69 19.63 7.07 3.81
C MET B 69 19.48 5.65 4.33
N ALA B 70 18.29 5.08 4.12
CA ALA B 70 18.03 3.68 4.42
C ALA B 70 18.43 2.84 3.20
N LEU B 71 19.42 1.98 3.37
CA LEU B 71 19.95 1.21 2.26
C LEU B 71 19.54 -0.27 2.39
N ASP B 72 19.16 -0.86 1.25
CA ASP B 72 18.99 -2.30 1.19
C ASP B 72 20.28 -3.01 1.61
N VAL B 73 20.11 -4.16 2.26
CA VAL B 73 21.25 -4.86 2.85
C VAL B 73 22.29 -5.28 1.83
N VAL B 74 21.93 -5.38 0.54
CA VAL B 74 22.91 -5.79 -0.45
C VAL B 74 23.63 -4.63 -1.10
N TRP B 75 23.25 -3.39 -0.80
CA TRP B 75 23.89 -2.22 -1.38
C TRP B 75 25.14 -1.78 -0.62
N THR B 76 25.45 -2.44 0.50
CA THR B 76 26.56 -2.00 1.34
C THR B 76 27.84 -1.82 0.54
N ALA B 77 28.28 -2.90 -0.11
CA ALA B 77 29.56 -2.86 -0.82
C ALA B 77 29.58 -1.77 -1.90
N GLU B 78 28.52 -1.69 -2.69
CA GLU B 78 28.46 -0.67 -3.74
C GLU B 78 28.67 0.72 -3.15
N PHE B 79 27.86 1.09 -2.15
CA PHE B 79 27.93 2.43 -1.60
C PHE B 79 29.21 2.64 -0.80
N ALA B 80 29.74 1.57 -0.19
CA ALA B 80 30.97 1.70 0.60
C ALA B 80 32.18 1.88 -0.31
N GLU B 81 32.36 0.99 -1.29
CA GLU B 81 33.54 1.07 -2.14
C GLU B 81 33.71 2.46 -2.74
N ALA B 82 32.60 3.07 -3.16
CA ALA B 82 32.62 4.36 -3.83
C ALA B 82 32.67 5.55 -2.88
N GLY B 83 32.76 5.31 -1.57
CA GLY B 83 32.77 6.42 -0.64
C GLY B 83 31.45 7.15 -0.53
N TRP B 84 30.35 6.53 -0.96
CA TRP B 84 29.05 7.17 -0.84
C TRP B 84 28.51 7.08 0.57
N ALA B 85 28.83 5.99 1.28
CA ALA B 85 28.43 5.79 2.66
C ALA B 85 29.68 5.91 3.53
N LEU B 86 29.69 6.90 4.42
CA LEU B 86 30.84 7.08 5.29
C LEU B 86 30.97 5.88 6.23
N PRO B 87 32.20 5.46 6.55
CA PRO B 87 32.37 4.46 7.60
C PRO B 87 31.86 4.99 8.92
N LEU B 88 31.34 4.10 9.76
CA LEU B 88 30.85 4.51 11.06
C LEU B 88 31.94 5.17 11.90
N SER B 89 33.21 4.88 11.62
CA SER B 89 34.30 5.47 12.36
C SER B 89 34.49 6.95 12.05
N ASP B 90 33.80 7.48 11.05
CA ASP B 90 33.86 8.90 10.74
C ASP B 90 32.93 9.75 11.61
N ASP B 91 32.26 9.14 12.59
CA ASP B 91 31.40 9.88 13.51
C ASP B 91 32.26 10.73 14.43
N PRO B 92 32.13 12.06 14.42
CA PRO B 92 33.00 12.88 15.29
C PRO B 92 32.86 12.51 16.76
N ALA B 93 31.68 12.04 17.19
CA ALA B 93 31.47 11.66 18.58
C ALA B 93 32.02 10.27 18.89
N GLY B 94 32.37 9.47 17.88
CA GLY B 94 32.91 8.15 18.13
C GLY B 94 31.96 7.18 18.77
N LEU B 95 30.65 7.38 18.62
CA LEU B 95 29.66 6.49 19.21
C LEU B 95 29.00 5.56 18.20
N ALA B 96 29.09 5.87 16.91
CA ALA B 96 28.32 5.14 15.91
C ALA B 96 28.69 3.65 15.89
N GLU B 97 29.98 3.33 15.97
CA GLU B 97 30.40 1.93 15.86
C GLU B 97 29.81 1.10 16.99
N ASN B 98 30.03 1.53 18.24
CA ASN B 98 29.54 0.77 19.38
C ASN B 98 28.03 0.60 19.34
N ASP B 99 27.30 1.66 18.95
CA ASP B 99 25.85 1.59 18.92
C ASP B 99 25.35 0.53 17.94
N ALA B 100 25.97 0.47 16.76
CA ALA B 100 25.52 -0.48 15.74
C ALA B 100 25.76 -1.92 16.16
N VAL B 101 26.76 -2.17 17.01
CA VAL B 101 27.06 -3.52 17.46
C VAL B 101 26.21 -3.91 18.65
N ALA B 102 26.10 -3.03 19.65
CA ALA B 102 25.48 -3.39 20.91
C ALA B 102 24.02 -3.80 20.70
N ASP B 103 23.71 -5.04 21.07
CA ASP B 103 22.34 -5.56 21.08
C ASP B 103 21.79 -5.73 19.67
N THR B 104 22.66 -5.95 18.69
CA THR B 104 22.27 -6.15 17.30
C THR B 104 22.50 -7.61 16.94
N LEU B 105 21.49 -8.25 16.36
CA LEU B 105 21.61 -9.66 16.02
C LEU B 105 22.70 -9.86 14.97
N PRO B 106 23.37 -11.02 14.99
CA PRO B 106 24.55 -11.19 14.11
C PRO B 106 24.22 -11.09 12.62
N GLY B 107 23.13 -11.68 12.18
CA GLY B 107 22.77 -11.67 10.78
C GLY B 107 22.67 -10.27 10.21
N PRO B 108 21.86 -9.42 10.84
CA PRO B 108 21.79 -8.02 10.38
C PRO B 108 23.14 -7.33 10.40
N LEU B 109 23.94 -7.54 11.44
CA LEU B 109 25.24 -6.88 11.53
C LEU B 109 26.13 -7.25 10.35
N ALA B 110 26.07 -8.51 9.91
CA ALA B 110 26.93 -8.95 8.83
C ALA B 110 26.64 -8.22 7.53
N THR B 111 25.39 -7.79 7.32
CA THR B 111 25.06 -7.09 6.08
C THR B 111 25.64 -5.68 6.03
N ALA B 112 26.10 -5.15 7.16
CA ALA B 112 26.53 -3.76 7.26
C ALA B 112 28.04 -3.60 7.11
N GLY B 113 28.78 -4.69 6.96
CA GLY B 113 30.23 -4.64 6.88
C GLY B 113 30.74 -4.72 5.44
N TRP B 114 32.01 -4.36 5.29
CA TRP B 114 32.70 -4.40 4.01
C TRP B 114 34.16 -4.06 4.24
N ASN B 115 35.07 -4.98 3.92
CA ASN B 115 36.51 -4.80 4.21
C ASN B 115 36.65 -4.74 5.73
N HIS B 116 35.90 -5.57 6.44
CA HIS B 116 36.01 -5.70 7.92
C HIS B 116 35.69 -4.38 8.62
N LYS B 117 34.96 -3.48 7.96
CA LYS B 117 34.61 -2.15 8.51
C LYS B 117 33.10 -1.92 8.38
N LEU B 118 32.45 -1.45 9.44
CA LEU B 118 31.03 -1.12 9.39
C LEU B 118 30.82 0.16 8.60
N TYR B 119 29.87 0.14 7.66
CA TYR B 119 29.50 1.31 6.89
C TYR B 119 28.03 1.69 7.05
N ALA B 120 27.28 0.97 7.89
CA ALA B 120 25.90 1.31 8.15
C ALA B 120 25.46 0.63 9.45
N ALA B 121 24.29 1.05 9.93
CA ALA B 121 23.72 0.54 11.17
C ALA B 121 22.39 -0.12 10.90
N PRO B 122 22.23 -1.42 11.16
CA PRO B 122 20.94 -2.07 10.88
C PRO B 122 19.79 -1.38 11.59
N VAL B 123 18.63 -1.36 10.92
CA VAL B 123 17.41 -0.81 11.53
C VAL B 123 16.25 -1.78 11.34
N THR B 124 16.17 -2.43 10.17
CA THR B 124 15.15 -3.44 9.94
C THR B 124 15.76 -4.64 9.23
N THR B 125 15.11 -5.79 9.38
CA THR B 125 15.61 -7.04 8.82
C THR B 125 14.42 -7.89 8.38
N ASN B 126 14.73 -9.07 7.84
CA ASN B 126 13.69 -9.94 7.31
C ASN B 126 14.28 -11.32 7.06
N THR B 127 13.41 -12.33 7.13
CA THR B 127 13.76 -13.71 6.82
C THR B 127 12.50 -14.41 6.35
N GLN B 128 12.68 -15.54 5.67
CA GLN B 128 11.56 -16.28 5.11
C GLN B 128 11.26 -17.52 5.95
N LEU B 129 9.99 -17.80 6.12
CA LEU B 129 9.51 -18.96 6.88
C LEU B 129 8.70 -19.88 5.98
N LEU B 130 8.40 -21.06 6.51
CA LEU B 130 7.44 -21.97 5.88
C LEU B 130 6.04 -21.66 6.39
N TRP B 131 5.08 -21.61 5.48
CA TRP B 131 3.66 -21.45 5.80
C TRP B 131 2.90 -22.61 5.18
N TYR B 132 2.03 -23.24 5.98
CA TYR B 132 1.35 -24.44 5.51
C TYR B 132 -0.07 -24.51 6.06
N ARG B 133 -0.86 -25.36 5.41
CA ARG B 133 -2.23 -25.68 5.82
C ARG B 133 -2.19 -26.87 6.76
N PRO B 134 -2.24 -26.68 8.08
CA PRO B 134 -2.18 -27.83 8.99
C PRO B 134 -3.36 -28.79 8.82
N ASP B 135 -4.46 -28.34 8.23
CA ASP B 135 -5.58 -29.23 7.95
C ASP B 135 -5.33 -30.16 6.77
N LEU B 136 -4.43 -29.80 5.86
CA LEU B 136 -4.11 -30.61 4.66
C LEU B 136 -2.73 -31.25 4.81
N VAL B 137 -1.83 -30.65 5.59
CA VAL B 137 -0.45 -31.14 5.80
C VAL B 137 -0.31 -31.41 7.30
N ASN B 138 -0.26 -32.67 7.69
CA ASN B 138 -0.22 -33.07 9.12
C ASN B 138 0.96 -32.40 9.81
N SER B 139 2.19 -32.77 9.47
CA SER B 139 3.41 -32.17 10.04
C SER B 139 4.04 -31.27 8.99
N PRO B 140 4.60 -30.10 9.35
CA PRO B 140 5.27 -29.26 8.35
C PRO B 140 6.52 -29.93 7.82
N PRO B 141 6.70 -29.97 6.50
CA PRO B 141 7.93 -30.54 5.94
C PRO B 141 9.16 -29.86 6.51
N THR B 142 10.16 -30.65 6.87
CA THR B 142 11.38 -30.15 7.49
C THR B 142 12.53 -29.97 6.53
N ASP B 143 12.48 -30.57 5.33
CA ASP B 143 13.49 -30.36 4.31
C ASP B 143 12.80 -30.30 2.95
N TRP B 144 13.59 -30.01 1.92
CA TRP B 144 13.02 -29.77 0.60
C TRP B 144 12.58 -31.04 -0.10
N ASN B 145 13.19 -32.18 0.21
CA ASN B 145 12.67 -33.44 -0.33
C ASN B 145 11.29 -33.74 0.25
N ALA B 146 11.08 -33.42 1.52
CA ALA B 146 9.75 -33.59 2.12
C ALA B 146 8.75 -32.64 1.50
N MET B 147 9.19 -31.42 1.16
CA MET B 147 8.32 -30.49 0.45
C MET B 147 7.84 -31.10 -0.86
N ILE B 148 8.77 -31.66 -1.64
CA ILE B 148 8.43 -32.27 -2.93
C ILE B 148 7.45 -33.41 -2.71
N ALA B 149 7.78 -34.33 -1.79
CA ALA B 149 6.94 -35.51 -1.60
C ALA B 149 5.54 -35.12 -1.14
N GLU B 150 5.43 -34.11 -0.29
CA GLU B 150 4.11 -33.70 0.19
C GLU B 150 3.28 -33.10 -0.94
N ALA B 151 3.86 -32.17 -1.69
CA ALA B 151 3.13 -31.57 -2.81
C ALA B 151 2.65 -32.62 -3.80
N ALA B 152 3.46 -33.66 -4.03
CA ALA B 152 3.07 -34.70 -4.97
C ALA B 152 1.94 -35.56 -4.40
N ARG B 153 2.04 -35.92 -3.12
CA ARG B 153 0.94 -36.64 -2.48
C ARG B 153 -0.36 -35.85 -2.60
N LEU B 154 -0.30 -34.56 -2.29
CA LEU B 154 -1.50 -33.74 -2.37
C LEU B 154 -2.08 -33.72 -3.77
N HIS B 155 -1.21 -33.71 -4.79
CA HIS B 155 -1.70 -33.74 -6.16
C HIS B 155 -2.45 -35.03 -6.46
N ALA B 156 -1.90 -36.16 -6.02
CA ALA B 156 -2.56 -37.45 -6.24
C ALA B 156 -3.87 -37.55 -5.46
N ALA B 157 -3.99 -36.84 -4.35
CA ALA B 157 -5.22 -36.84 -3.55
C ALA B 157 -6.21 -35.78 -4.01
N GLY B 158 -5.97 -35.15 -5.16
CA GLY B 158 -6.89 -34.15 -5.67
C GLY B 158 -6.91 -32.84 -4.93
N GLU B 159 -5.90 -32.56 -4.13
CA GLU B 159 -5.84 -31.40 -3.25
C GLU B 159 -4.83 -30.37 -3.75
N PRO B 160 -4.84 -29.18 -3.14
CA PRO B 160 -3.90 -28.12 -3.58
C PRO B 160 -2.45 -28.59 -3.53
N SER B 161 -1.80 -28.57 -4.69
CA SER B 161 -0.48 -29.15 -4.84
C SER B 161 0.62 -28.14 -5.12
N TRP B 162 0.29 -26.87 -5.37
CA TRP B 162 1.34 -25.90 -5.68
C TRP B 162 2.26 -25.71 -4.48
N ILE B 163 3.54 -25.56 -4.75
CA ILE B 163 4.49 -24.99 -3.80
C ILE B 163 4.64 -23.52 -4.15
N ALA B 164 4.14 -22.65 -3.27
CA ALA B 164 4.12 -21.20 -3.53
C ALA B 164 5.46 -20.61 -3.16
N VAL B 165 6.24 -20.21 -4.16
CA VAL B 165 7.55 -19.60 -3.93
C VAL B 165 7.84 -18.61 -5.05
N GLN B 166 8.56 -17.54 -4.72
CA GLN B 166 8.98 -16.53 -5.72
C GLN B 166 10.14 -17.13 -6.52
N ALA B 167 9.94 -17.36 -7.80
CA ALA B 167 10.95 -17.97 -8.66
C ALA B 167 10.98 -17.30 -10.02
N ASN B 168 10.31 -16.15 -10.20
CA ASN B 168 10.43 -15.46 -11.48
C ASN B 168 11.80 -14.79 -11.59
N GLN B 169 12.20 -14.51 -12.82
CA GLN B 169 13.51 -13.93 -13.07
C GLN B 169 13.65 -12.60 -12.35
N GLY B 170 14.56 -12.54 -11.39
CA GLY B 170 14.74 -11.34 -10.60
C GLY B 170 15.42 -11.66 -9.29
N GLU B 171 15.39 -10.67 -8.40
CA GLU B 171 16.10 -10.79 -7.13
C GLU B 171 15.52 -11.91 -6.27
N GLY B 172 14.20 -12.12 -6.33
CA GLY B 172 13.59 -13.14 -5.49
C GLY B 172 14.11 -14.53 -5.81
N LEU B 173 14.31 -14.84 -7.09
CA LEU B 173 14.90 -16.12 -7.47
C LEU B 173 16.34 -16.20 -7.00
N VAL B 174 17.07 -15.09 -7.07
CA VAL B 174 18.45 -15.07 -6.60
C VAL B 174 18.51 -15.32 -5.09
N VAL B 175 17.60 -14.69 -4.35
CA VAL B 175 17.51 -14.94 -2.90
C VAL B 175 17.29 -16.42 -2.62
N TRP B 176 16.33 -17.02 -3.32
CA TRP B 176 16.02 -18.43 -3.11
C TRP B 176 17.24 -19.31 -3.42
N PHE B 177 17.91 -19.04 -4.55
CA PHE B 177 19.11 -19.80 -4.88
C PHE B 177 20.18 -19.63 -3.81
N ASN B 178 20.34 -18.40 -3.29
CA ASN B 178 21.37 -18.16 -2.30
C ASN B 178 21.14 -18.99 -1.04
N THR B 179 19.90 -19.01 -0.56
CA THR B 179 19.58 -19.81 0.63
C THR B 179 19.94 -21.27 0.41
N LEU B 180 19.46 -21.87 -0.68
CA LEU B 180 19.79 -23.25 -0.99
C LEU B 180 21.30 -23.45 -1.05
N LEU B 181 22.00 -22.54 -1.72
CA LEU B 181 23.45 -22.68 -1.90
C LEU B 181 24.16 -22.66 -0.55
N VAL B 182 23.91 -21.61 0.25
CA VAL B 182 24.59 -21.47 1.52
C VAL B 182 24.20 -22.61 2.47
N SER B 183 22.92 -22.99 2.45
CA SER B 183 22.47 -24.07 3.31
C SER B 183 23.22 -25.36 3.02
N ALA B 184 23.57 -25.60 1.76
CA ALA B 184 24.36 -26.75 1.36
C ALA B 184 25.86 -26.53 1.52
N GLY B 185 26.27 -25.46 2.20
CA GLY B 185 27.67 -25.20 2.43
C GLY B 185 28.41 -24.49 1.31
N GLY B 186 27.69 -23.96 0.31
CA GLY B 186 28.31 -23.27 -0.79
C GLY B 186 28.34 -21.75 -0.60
N SER B 187 28.83 -21.08 -1.63
CA SER B 187 28.96 -19.63 -1.63
C SER B 187 29.20 -19.16 -3.06
N VAL B 188 28.61 -18.02 -3.41
CA VAL B 188 28.80 -17.49 -4.77
C VAL B 188 30.21 -16.95 -4.93
N LEU B 189 30.68 -16.18 -3.95
CA LEU B 189 31.99 -15.54 -4.00
C LEU B 189 32.78 -15.91 -2.76
N SER B 190 34.08 -15.63 -2.84
CA SER B 190 35.00 -15.82 -1.69
C SER B 190 34.72 -14.71 -0.68
N GLU B 191 35.43 -14.70 0.44
CA GLU B 191 35.20 -13.70 1.52
C GLU B 191 35.38 -12.30 0.96
N ASP B 192 36.42 -12.06 0.16
CA ASP B 192 36.75 -10.72 -0.35
C ASP B 192 35.90 -10.36 -1.57
N GLY B 193 35.05 -11.27 -2.06
CA GLY B 193 34.27 -11.02 -3.25
C GLY B 193 35.09 -10.84 -4.51
N ARG B 194 36.30 -11.37 -4.55
CA ARG B 194 37.15 -11.29 -5.73
C ARG B 194 37.12 -12.55 -6.57
N HIS B 195 36.88 -13.71 -5.95
CA HIS B 195 36.87 -14.98 -6.64
C HIS B 195 35.48 -15.59 -6.66
N VAL B 196 35.18 -16.30 -7.75
CA VAL B 196 33.94 -17.04 -7.89
C VAL B 196 34.16 -18.43 -7.30
N THR B 197 33.35 -18.79 -6.32
CA THR B 197 33.50 -20.05 -5.60
C THR B 197 32.32 -20.99 -5.82
N LEU B 198 31.71 -20.92 -7.01
CA LEU B 198 30.59 -21.81 -7.31
C LEU B 198 31.05 -23.22 -7.67
N THR B 199 32.18 -23.31 -8.39
CA THR B 199 32.65 -24.61 -8.89
C THR B 199 34.15 -24.79 -8.71
N ASP B 200 34.79 -23.98 -7.85
CA ASP B 200 36.25 -23.98 -7.77
C ASP B 200 36.81 -25.21 -7.08
N THR B 201 36.02 -25.87 -6.23
CA THR B 201 36.41 -27.08 -5.54
C THR B 201 35.31 -28.11 -5.70
N PRO B 202 35.64 -29.41 -5.57
CA PRO B 202 34.58 -30.41 -5.65
C PRO B 202 33.46 -30.18 -4.64
N ALA B 203 33.81 -29.76 -3.42
CA ALA B 203 32.80 -29.55 -2.38
C ALA B 203 31.89 -28.39 -2.74
N HIS B 204 32.47 -27.26 -3.18
CA HIS B 204 31.64 -26.13 -3.60
C HIS B 204 30.74 -26.52 -4.76
N ARG B 205 31.26 -27.29 -5.71
CA ARG B 205 30.47 -27.71 -6.85
C ARG B 205 29.28 -28.57 -6.42
N ALA B 206 29.48 -29.42 -5.41
CA ALA B 206 28.38 -30.24 -4.91
C ALA B 206 27.27 -29.36 -4.32
N ALA B 207 27.66 -28.30 -3.62
CA ALA B 207 26.66 -27.39 -3.05
C ALA B 207 25.85 -26.71 -4.15
N THR B 208 26.54 -26.20 -5.18
CA THR B 208 25.84 -25.59 -6.31
C THR B 208 24.89 -26.60 -6.96
N VAL B 209 25.37 -27.82 -7.20
CA VAL B 209 24.54 -28.84 -7.82
C VAL B 209 23.34 -29.16 -6.94
N SER B 210 23.56 -29.27 -5.62
CA SER B 210 22.44 -29.50 -4.71
C SER B 210 21.36 -28.45 -4.88
N ALA B 211 21.75 -27.17 -4.83
CA ALA B 211 20.77 -26.09 -4.92
C ALA B 211 20.02 -26.12 -6.24
N LEU B 212 20.74 -26.35 -7.34
CA LEU B 212 20.08 -26.41 -8.65
C LEU B 212 19.14 -27.60 -8.73
N GLN B 213 19.53 -28.74 -8.14
CA GLN B 213 18.64 -29.89 -8.12
C GLN B 213 17.32 -29.56 -7.46
N ILE B 214 17.36 -28.81 -6.35
CA ILE B 214 16.13 -28.48 -5.64
C ILE B 214 15.27 -27.54 -6.47
N LEU B 215 15.87 -26.46 -7.00
CA LEU B 215 15.15 -25.58 -7.90
C LEU B 215 14.47 -26.37 -9.01
N LYS B 216 15.22 -27.28 -9.65
CA LYS B 216 14.68 -28.05 -10.77
C LYS B 216 13.62 -29.04 -10.31
N SER B 217 13.83 -29.66 -9.14
CA SER B 217 12.86 -30.63 -8.63
C SER B 217 11.52 -29.96 -8.35
N VAL B 218 11.54 -28.79 -7.71
CA VAL B 218 10.28 -28.09 -7.44
C VAL B 218 9.57 -27.76 -8.73
N ALA B 219 10.32 -27.33 -9.74
CA ALA B 219 9.71 -26.89 -11.00
C ALA B 219 9.01 -28.03 -11.73
N THR B 220 9.47 -29.26 -11.52
CA THR B 220 8.95 -30.42 -12.26
C THR B 220 8.15 -31.37 -11.37
N THR B 221 7.79 -30.95 -10.16
CA THR B 221 6.97 -31.78 -9.30
C THR B 221 5.55 -31.87 -9.88
N PRO B 222 4.91 -33.04 -9.81
CA PRO B 222 3.50 -33.14 -10.23
C PRO B 222 2.64 -32.08 -9.58
N GLY B 223 1.79 -31.46 -10.39
CA GLY B 223 0.85 -30.47 -9.88
C GLY B 223 1.47 -29.14 -9.51
N ALA B 224 2.54 -28.75 -10.19
CA ALA B 224 3.26 -27.53 -9.87
C ALA B 224 2.52 -26.29 -10.38
N ASP B 225 2.83 -25.15 -9.76
CA ASP B 225 2.24 -23.85 -10.13
C ASP B 225 2.61 -23.60 -11.59
N PRO B 226 1.65 -23.24 -12.46
CA PRO B 226 1.95 -22.96 -13.86
C PRO B 226 2.79 -21.68 -14.04
N SER B 227 3.11 -20.96 -12.96
CA SER B 227 4.00 -19.78 -13.03
C SER B 227 5.43 -20.28 -13.11
N ILE B 228 5.70 -21.49 -12.62
CA ILE B 228 7.06 -22.07 -12.62
C ILE B 228 7.20 -22.95 -13.86
N THR B 229 6.19 -23.76 -14.14
CA THR B 229 6.24 -24.72 -15.27
C THR B 229 6.16 -23.95 -16.60
N ARG B 230 5.38 -22.88 -16.68
CA ARG B 230 5.18 -22.10 -17.92
C ARG B 230 5.88 -20.74 -17.82
N THR B 231 6.63 -20.49 -16.75
CA THR B 231 7.31 -19.19 -16.52
C THR B 231 6.34 -18.05 -16.78
N GLU B 232 5.17 -18.07 -16.15
CA GLU B 232 4.15 -17.00 -16.27
C GLU B 232 4.19 -16.09 -15.05
N GLU B 233 3.46 -14.97 -15.07
CA GLU B 233 3.35 -14.08 -13.93
C GLU B 233 2.47 -14.71 -12.86
N GLY B 234 2.76 -14.40 -11.61
CA GLY B 234 2.03 -14.98 -10.51
C GLY B 234 2.26 -14.23 -9.21
N SER B 235 2.03 -14.95 -8.11
CA SER B 235 2.20 -14.39 -6.78
C SER B 235 2.13 -15.50 -5.74
N ALA B 236 3.25 -15.76 -5.06
CA ALA B 236 3.26 -16.79 -4.02
C ALA B 236 2.20 -16.50 -2.97
N ARG B 237 2.12 -15.25 -2.52
CA ARG B 237 1.18 -14.88 -1.47
C ARG B 237 -0.26 -15.20 -1.89
N LEU B 238 -0.67 -14.77 -3.08
CA LEU B 238 -2.05 -14.96 -3.49
C LEU B 238 -2.37 -16.44 -3.72
N ALA B 239 -1.42 -17.20 -4.28
CA ALA B 239 -1.68 -18.61 -4.51
C ALA B 239 -2.08 -19.32 -3.21
N PHE B 240 -1.38 -19.02 -2.12
CA PHE B 240 -1.70 -19.64 -0.83
C PHE B 240 -3.03 -19.10 -0.29
N GLU B 241 -3.21 -17.79 -0.31
CA GLU B 241 -4.44 -17.20 0.21
C GLU B 241 -5.66 -17.68 -0.55
N GLN B 242 -5.53 -17.91 -1.86
CA GLN B 242 -6.65 -18.35 -2.67
C GLN B 242 -6.88 -19.86 -2.58
N GLY B 243 -6.01 -20.58 -1.88
CA GLY B 243 -6.20 -22.01 -1.67
C GLY B 243 -5.60 -22.90 -2.72
N LYS B 244 -4.69 -22.39 -3.56
CA LYS B 244 -4.08 -23.17 -4.61
C LYS B 244 -2.76 -23.80 -4.19
N ALA B 245 -2.19 -23.36 -3.07
CA ALA B 245 -0.96 -23.95 -2.54
C ALA B 245 -1.16 -24.25 -1.06
N ALA B 246 -0.76 -25.46 -0.65
CA ALA B 246 -0.77 -25.83 0.76
C ALA B 246 0.56 -25.56 1.44
N LEU B 247 1.58 -25.14 0.69
CA LEU B 247 2.91 -24.87 1.21
C LEU B 247 3.42 -23.59 0.59
N GLU B 248 4.09 -22.77 1.40
CA GLU B 248 4.61 -21.48 0.95
C GLU B 248 5.85 -21.14 1.76
N VAL B 249 6.87 -20.61 1.08
CA VAL B 249 7.99 -19.95 1.72
C VAL B 249 7.92 -18.47 1.35
N ASN B 250 7.99 -17.59 2.34
CA ASN B 250 7.78 -16.18 2.09
C ASN B 250 8.09 -15.39 3.35
N TRP B 251 8.28 -14.08 3.16
CA TRP B 251 8.54 -13.17 4.25
C TRP B 251 7.33 -13.10 5.18
N PRO B 252 7.52 -12.67 6.42
CA PRO B 252 6.43 -12.75 7.41
C PRO B 252 5.28 -11.77 7.15
N PHE B 253 5.39 -10.86 6.19
CA PHE B 253 4.26 -10.00 5.89
C PHE B 253 3.04 -10.78 5.40
N VAL B 254 3.21 -12.05 5.02
CA VAL B 254 2.06 -12.85 4.64
C VAL B 254 1.18 -13.18 5.84
N PHE B 255 1.72 -13.08 7.06
CA PHE B 255 0.92 -13.36 8.25
C PHE B 255 -0.16 -12.30 8.45
N ALA B 256 0.22 -11.03 8.46
CA ALA B 256 -0.76 -9.96 8.61
C ALA B 256 -1.70 -9.92 7.41
N SER B 257 -1.18 -10.14 6.21
CA SER B 257 -2.03 -10.14 5.01
C SER B 257 -3.09 -11.23 5.06
N MET B 258 -2.73 -12.41 5.57
CA MET B 258 -3.71 -13.48 5.70
C MET B 258 -4.88 -13.08 6.58
N LEU B 259 -4.60 -12.55 7.78
CA LEU B 259 -5.66 -12.20 8.70
C LEU B 259 -6.52 -11.08 8.14
N GLU B 260 -5.89 -10.05 7.58
CA GLU B 260 -6.64 -8.91 7.05
C GLU B 260 -7.55 -9.33 5.90
N ASN B 261 -6.99 -10.06 4.93
CA ASN B 261 -7.79 -10.49 3.78
C ASN B 261 -8.84 -11.51 4.19
N ALA B 262 -8.55 -12.34 5.19
CA ALA B 262 -9.55 -13.27 5.69
C ALA B 262 -10.73 -12.53 6.29
N VAL B 263 -10.48 -11.48 7.08
CA VAL B 263 -11.57 -10.72 7.68
C VAL B 263 -12.40 -10.04 6.61
N LYS B 264 -11.78 -9.65 5.50
CA LYS B 264 -12.52 -9.07 4.39
C LYS B 264 -13.23 -10.12 3.55
N GLY B 265 -13.06 -11.40 3.87
CA GLY B 265 -13.74 -12.46 3.16
C GLY B 265 -13.05 -12.94 1.90
N GLY B 266 -11.77 -12.66 1.74
CA GLY B 266 -11.03 -13.06 0.56
C GLY B 266 -10.19 -14.31 0.72
N VAL B 267 -10.34 -15.04 1.80
CA VAL B 267 -9.65 -16.31 2.02
C VAL B 267 -10.71 -17.40 2.23
N PRO B 268 -10.98 -18.20 1.21
CA PRO B 268 -12.17 -19.08 1.28
C PRO B 268 -12.09 -20.16 2.35
N PHE B 269 -10.89 -20.60 2.74
CA PHE B 269 -10.76 -21.62 3.77
C PHE B 269 -10.62 -21.02 5.17
N LEU B 270 -10.84 -19.71 5.31
CA LEU B 270 -10.69 -19.03 6.60
C LEU B 270 -11.65 -17.86 6.65
N PRO B 271 -12.91 -18.11 7.01
CA PRO B 271 -13.93 -17.03 7.01
C PRO B 271 -13.99 -16.25 8.33
N LEU B 272 -12.92 -15.51 8.62
CA LEU B 272 -12.93 -14.62 9.77
C LEU B 272 -13.99 -13.54 9.64
N ASN B 273 -14.46 -13.28 8.41
CA ASN B 273 -15.49 -12.28 8.21
C ASN B 273 -16.80 -12.62 8.92
N ARG B 274 -16.97 -13.88 9.35
CA ARG B 274 -18.21 -14.30 9.99
C ARG B 274 -18.16 -14.23 11.52
N ILE B 275 -17.01 -13.94 12.10
CA ILE B 275 -16.88 -13.93 13.56
C ILE B 275 -17.48 -12.64 14.11
N PRO B 276 -18.46 -12.70 15.00
CA PRO B 276 -19.11 -11.44 15.45
C PRO B 276 -18.16 -10.50 16.17
N GLN B 277 -17.25 -11.02 16.98
CA GLN B 277 -16.36 -10.16 17.75
C GLN B 277 -15.48 -9.29 16.87
N LEU B 278 -15.30 -9.65 15.60
CA LEU B 278 -14.41 -8.94 14.70
C LEU B 278 -15.13 -7.88 13.88
N ALA B 279 -16.40 -7.61 14.18
CA ALA B 279 -17.11 -6.53 13.50
C ALA B 279 -16.48 -5.20 13.85
N GLY B 280 -16.30 -4.35 12.83
CA GLY B 280 -15.70 -3.05 13.02
C GLY B 280 -14.20 -3.02 13.11
N SER B 281 -13.53 -4.16 12.96
CA SER B 281 -12.08 -4.21 13.07
C SER B 281 -11.37 -3.79 11.79
N ILE B 282 -12.12 -3.45 10.73
CA ILE B 282 -11.56 -2.90 9.51
C ILE B 282 -11.76 -1.39 9.58
N ASN B 283 -10.67 -0.63 9.63
CA ASN B 283 -10.75 0.80 9.90
C ASN B 283 -11.12 1.55 8.62
N ASP B 284 -11.11 2.89 8.69
CA ASP B 284 -11.65 3.71 7.62
C ASP B 284 -10.76 3.77 6.38
N ILE B 285 -9.61 3.10 6.39
CA ILE B 285 -8.76 2.98 5.21
C ILE B 285 -8.57 1.53 4.80
N GLY B 286 -9.39 0.63 5.33
CA GLY B 286 -9.36 -0.75 4.90
C GLY B 286 -8.29 -1.60 5.55
N THR B 287 -7.80 -1.19 6.71
CA THR B 287 -6.74 -1.91 7.41
C THR B 287 -7.32 -2.63 8.62
N PHE B 288 -6.90 -3.88 8.79
CA PHE B 288 -7.28 -4.68 9.95
C PHE B 288 -6.51 -4.16 11.15
N THR B 289 -7.18 -3.41 12.02
CA THR B 289 -6.58 -2.77 13.19
C THR B 289 -7.31 -3.29 14.42
N PRO B 290 -7.01 -4.49 14.87
CA PRO B 290 -7.77 -5.10 15.97
C PRO B 290 -7.23 -4.73 17.35
N SER B 291 -8.13 -4.84 18.33
CA SER B 291 -7.73 -4.80 19.72
C SER B 291 -6.92 -6.04 20.08
N ASP B 292 -6.36 -6.03 21.29
CA ASP B 292 -5.60 -7.19 21.73
C ASP B 292 -6.47 -8.45 21.76
N GLU B 293 -7.71 -8.31 22.22
CA GLU B 293 -8.61 -9.46 22.29
C GLU B 293 -9.08 -9.87 20.89
N GLN B 294 -9.48 -8.88 20.09
CA GLN B 294 -9.87 -9.16 18.71
C GLN B 294 -8.73 -9.83 17.95
N PHE B 295 -7.48 -9.44 18.21
CA PHE B 295 -6.30 -10.03 17.54
C PHE B 295 -6.13 -11.49 17.91
N ARG B 296 -6.08 -11.79 19.20
CA ARG B 296 -5.89 -13.18 19.70
C ARG B 296 -7.04 -14.06 19.24
N ILE B 297 -8.24 -13.51 19.15
CA ILE B 297 -9.43 -14.27 18.66
C ILE B 297 -9.13 -14.71 17.24
N ALA B 298 -8.68 -13.80 16.38
CA ALA B 298 -8.50 -14.11 14.97
C ALA B 298 -7.33 -15.06 14.76
N TYR B 299 -6.25 -14.88 15.53
CA TYR B 299 -5.11 -15.78 15.41
C TYR B 299 -5.46 -17.19 15.85
N ASP B 300 -6.29 -17.31 16.90
CA ASP B 300 -6.71 -18.63 17.36
C ASP B 300 -7.49 -19.36 16.27
N ALA B 301 -8.44 -18.67 15.65
CA ALA B 301 -9.22 -19.30 14.58
C ALA B 301 -8.35 -19.59 13.36
N SER B 302 -7.30 -18.80 13.14
CA SER B 302 -6.42 -19.05 12.01
C SER B 302 -5.60 -20.32 12.20
N GLN B 303 -5.38 -20.73 13.46
CA GLN B 303 -4.49 -21.84 13.72
C GLN B 303 -5.00 -23.15 13.11
N GLN B 304 -6.31 -23.28 12.94
CA GLN B 304 -6.86 -24.51 12.38
C GLN B 304 -6.40 -24.74 10.95
N VAL B 305 -6.10 -23.67 10.21
CA VAL B 305 -5.87 -23.75 8.78
C VAL B 305 -4.62 -23.00 8.32
N PHE B 306 -3.86 -22.41 9.23
CA PHE B 306 -2.73 -21.56 8.85
C PHE B 306 -1.63 -21.74 9.88
N GLY B 307 -0.50 -22.32 9.46
CA GLY B 307 0.60 -22.58 10.35
C GLY B 307 1.91 -22.05 9.76
N PHE B 308 2.91 -21.96 10.63
CA PHE B 308 4.24 -21.50 10.25
C PHE B 308 5.28 -22.41 10.86
N ALA B 309 6.45 -22.45 10.26
CA ALA B 309 7.52 -23.36 10.68
C ALA B 309 8.83 -22.88 10.10
N PRO B 310 9.94 -23.49 10.49
CA PRO B 310 11.24 -23.09 9.93
C PRO B 310 11.31 -23.32 8.42
N TYR B 311 12.09 -22.48 7.75
CA TYR B 311 12.43 -22.70 6.36
C TYR B 311 12.98 -24.12 6.18
N PRO B 312 12.52 -24.86 5.18
CA PRO B 312 12.99 -26.25 5.05
C PRO B 312 14.50 -26.33 4.85
N ALA B 313 15.11 -27.34 5.45
CA ALA B 313 16.54 -27.55 5.31
C ALA B 313 16.86 -28.18 3.96
N VAL B 314 18.14 -28.13 3.59
CA VAL B 314 18.66 -28.84 2.43
C VAL B 314 19.10 -30.22 2.92
N ALA B 315 20.10 -30.24 3.80
CA ALA B 315 20.55 -31.49 4.39
C ALA B 315 19.52 -31.99 5.40
N PRO B 316 19.42 -33.29 5.60
CA PRO B 316 18.34 -33.81 6.46
C PRO B 316 18.24 -33.15 7.82
N GLY B 317 19.28 -33.21 8.66
CA GLY B 317 19.15 -32.73 10.05
C GLY B 317 20.08 -31.62 10.48
N GLN B 318 20.19 -30.57 9.65
CA GLN B 318 21.06 -29.40 9.90
C GLN B 318 20.26 -28.16 9.49
N PRO B 319 19.93 -27.22 10.39
CA PRO B 319 19.07 -26.08 10.04
C PRO B 319 19.50 -25.32 8.79
N ALA B 320 18.53 -24.79 8.03
CA ALA B 320 18.82 -23.97 6.86
C ALA B 320 19.49 -22.66 7.24
N LYS B 321 20.24 -22.11 6.29
CA LYS B 321 20.82 -20.78 6.36
C LYS B 321 20.01 -19.89 5.42
N VAL B 322 19.10 -19.09 5.96
CA VAL B 322 18.10 -18.39 5.17
C VAL B 322 18.59 -16.97 4.86
N THR B 323 18.56 -16.62 3.58
CA THR B 323 19.00 -15.30 3.12
C THR B 323 18.25 -14.20 3.87
N ILE B 324 19.01 -13.22 4.35
CA ILE B 324 18.49 -12.13 5.15
C ILE B 324 18.18 -10.93 4.25
N GLY B 325 17.16 -10.17 4.64
CA GLY B 325 16.80 -8.95 3.94
C GLY B 325 16.75 -7.78 4.90
N GLY B 326 16.19 -6.65 4.44
CA GLY B 326 15.98 -5.52 5.33
C GLY B 326 16.73 -4.25 4.97
N LEU B 327 16.87 -3.35 5.94
CA LEU B 327 17.41 -2.02 5.71
C LEU B 327 18.49 -1.69 6.72
N ASN B 328 19.52 -0.98 6.26
CA ASN B 328 20.56 -0.41 7.11
C ASN B 328 20.58 1.10 6.94
N LEU B 329 20.96 1.81 8.00
CA LEU B 329 21.04 3.26 7.99
C LEU B 329 22.48 3.69 7.76
N ALA B 330 22.69 4.57 6.77
CA ALA B 330 24.01 5.06 6.43
C ALA B 330 23.99 6.58 6.34
N VAL B 331 25.14 7.19 6.62
CA VAL B 331 25.34 8.62 6.47
C VAL B 331 25.99 8.88 5.12
N ALA B 332 25.39 9.77 4.33
CA ALA B 332 25.93 10.09 3.02
C ALA B 332 27.15 11.00 3.15
N LYS B 333 28.11 10.83 2.24
CA LYS B 333 29.29 11.69 2.22
C LYS B 333 28.91 13.13 1.89
N THR B 334 27.71 13.36 1.35
CA THR B 334 27.28 14.70 0.97
C THR B 334 26.89 15.55 2.17
N THR B 335 26.81 14.98 3.37
CA THR B 335 26.28 15.71 4.51
C THR B 335 27.18 16.88 4.89
N ARG B 336 26.55 17.98 5.30
CA ARG B 336 27.29 19.09 5.89
C ARG B 336 27.42 18.97 7.39
N HIS B 337 26.52 18.21 8.01
CA HIS B 337 26.50 18.07 9.49
CA HIS B 337 26.50 18.04 9.49
C HIS B 337 26.62 16.59 9.90
N ARG B 338 27.85 16.08 9.91
CA ARG B 338 28.10 14.67 10.20
C ARG B 338 27.62 14.29 11.59
N ALA B 339 27.94 15.13 12.59
CA ALA B 339 27.66 14.76 13.97
C ALA B 339 26.18 14.53 14.20
N GLU B 340 25.35 15.46 13.73
CA GLU B 340 23.90 15.31 13.88
C GLU B 340 23.38 14.14 13.06
N ALA B 341 23.98 13.88 11.89
CA ALA B 341 23.53 12.76 11.07
C ALA B 341 23.71 11.44 11.80
N PHE B 342 24.88 11.25 12.41
CA PHE B 342 25.12 10.02 13.18
C PHE B 342 24.28 9.98 14.45
N GLU B 343 24.06 11.13 15.09
CA GLU B 343 23.19 11.15 16.25
C GLU B 343 21.77 10.77 15.87
N ALA B 344 21.29 11.28 14.72
CA ALA B 344 19.97 10.90 14.25
C ALA B 344 19.87 9.40 14.00
N VAL B 345 20.93 8.80 13.43
CA VAL B 345 20.91 7.37 13.18
C VAL B 345 20.70 6.61 14.48
N ARG B 346 21.37 7.04 15.56
CA ARG B 346 21.25 6.34 16.84
C ARG B 346 19.83 6.44 17.38
N CYS B 347 19.20 7.61 17.26
CA CYS B 347 17.84 7.76 17.77
C CYS B 347 16.84 6.94 16.95
N LEU B 348 16.99 6.95 15.63
CA LEU B 348 16.05 6.23 14.78
C LEU B 348 16.07 4.73 15.02
N ARG B 349 17.12 4.19 15.64
CA ARG B 349 17.24 2.75 15.86
C ARG B 349 17.32 2.39 17.34
N ASP B 350 16.89 3.27 18.24
CA ASP B 350 16.90 2.97 19.65
C ASP B 350 15.79 1.98 20.00
N GLN B 351 15.70 1.62 21.28
CA GLN B 351 14.85 0.49 21.67
C GLN B 351 13.38 0.78 21.42
N HIS B 352 12.90 1.96 21.81
CA HIS B 352 11.48 2.26 21.65
C HIS B 352 11.10 2.34 20.17
N ASN B 353 11.96 2.96 19.36
CA ASN B 353 11.65 3.07 17.94
C ASN B 353 11.78 1.73 17.23
N GLN B 354 12.67 0.85 17.71
CA GLN B 354 12.68 -0.52 17.21
C GLN B 354 11.37 -1.21 17.52
N ARG B 355 10.86 -1.05 18.75
CA ARG B 355 9.53 -1.55 19.09
C ARG B 355 8.49 -1.01 18.12
N TYR B 356 8.59 0.28 17.78
CA TYR B 356 7.57 0.91 16.94
C TYR B 356 7.56 0.34 15.53
N VAL B 357 8.71 0.24 14.88
CA VAL B 357 8.69 -0.21 13.49
C VAL B 357 8.17 -1.64 13.40
N SER B 358 8.40 -2.44 14.43
CA SER B 358 7.91 -3.81 14.44
C SER B 358 6.41 -3.86 14.67
N LEU B 359 5.94 -3.21 15.74
CA LEU B 359 4.54 -3.35 16.13
C LEU B 359 3.61 -2.55 15.23
N GLU B 360 3.96 -1.30 14.94
CA GLU B 360 3.11 -0.44 14.12
C GLU B 360 3.51 -0.44 12.64
N GLY B 361 4.74 -0.84 12.33
CA GLY B 361 5.20 -0.80 10.96
C GLY B 361 5.33 -2.17 10.31
N GLY B 362 5.26 -3.23 11.12
CA GLY B 362 5.37 -4.57 10.57
C GLY B 362 6.74 -4.95 10.05
N LEU B 363 7.79 -4.24 10.47
CA LEU B 363 9.14 -4.51 10.02
C LEU B 363 9.93 -5.19 11.13
N PRO B 364 10.36 -6.44 10.96
CA PRO B 364 11.13 -7.10 12.02
C PRO B 364 12.31 -6.25 12.49
N ALA B 365 12.44 -6.12 13.80
CA ALA B 365 13.50 -5.32 14.39
C ALA B 365 14.82 -6.09 14.39
N VAL B 366 15.91 -5.35 14.57
CA VAL B 366 17.24 -5.94 14.59
C VAL B 366 17.80 -6.07 16.01
N ARG B 367 17.17 -5.47 17.01
CA ARG B 367 17.67 -5.50 18.38
C ARG B 367 17.31 -6.84 19.01
N ALA B 368 18.33 -7.57 19.47
CA ALA B 368 18.08 -8.88 20.06
C ALA B 368 17.09 -8.78 21.20
N SER B 369 17.15 -7.69 21.97
CA SER B 369 16.30 -7.58 23.17
C SER B 369 14.81 -7.58 22.81
N LEU B 370 14.45 -7.14 21.60
CA LEU B 370 13.04 -7.06 21.26
C LEU B 370 12.39 -8.43 21.12
N TYR B 371 13.17 -9.46 20.82
CA TYR B 371 12.65 -10.82 20.73
C TYR B 371 12.42 -11.44 22.09
N SER B 372 12.64 -10.66 23.16
CA SER B 372 12.22 -11.01 24.50
C SER B 372 11.04 -10.18 24.98
N ASP B 373 10.69 -9.10 24.26
CA ASP B 373 9.63 -8.21 24.72
C ASP B 373 8.28 -8.91 24.63
N PRO B 374 7.48 -8.92 25.69
CA PRO B 374 6.20 -9.65 25.62
C PRO B 374 5.24 -9.09 24.59
N GLN B 375 5.21 -7.77 24.42
CA GLN B 375 4.34 -7.17 23.41
C GLN B 375 4.73 -7.63 22.02
N PHE B 376 6.03 -7.66 21.75
CA PHE B 376 6.52 -8.15 20.47
C PHE B 376 6.11 -9.60 20.23
N GLN B 377 6.20 -10.43 21.27
CA GLN B 377 5.91 -11.85 21.13
C GLN B 377 4.44 -12.12 20.86
N ALA B 378 3.55 -11.24 21.30
CA ALA B 378 2.12 -11.47 21.08
C ALA B 378 1.77 -11.47 19.60
N LYS B 379 2.25 -10.46 18.86
CA LYS B 379 1.91 -10.25 17.47
C LYS B 379 2.95 -10.81 16.50
N TYR B 380 4.07 -11.29 17.01
CA TYR B 380 5.03 -12.08 16.23
C TYR B 380 5.10 -13.45 16.89
N PRO B 381 4.00 -14.20 16.87
CA PRO B 381 4.02 -15.54 17.49
C PRO B 381 5.12 -16.43 16.94
N MET B 382 5.59 -16.16 15.73
CA MET B 382 6.75 -16.84 15.16
C MET B 382 8.05 -16.15 15.52
N HIS B 383 8.07 -15.38 16.62
CA HIS B 383 9.26 -14.62 16.97
C HIS B 383 10.48 -15.52 17.16
N ALA B 384 10.29 -16.71 17.73
CA ALA B 384 11.43 -17.56 18.05
C ALA B 384 12.06 -18.13 16.77
N ILE B 385 11.25 -18.49 15.78
CA ILE B 385 11.79 -18.93 14.50
C ILE B 385 12.55 -17.80 13.84
N ILE B 386 11.98 -16.59 13.86
CA ILE B 386 12.65 -15.44 13.26
C ILE B 386 13.99 -15.20 13.95
N ARG B 387 13.98 -15.15 15.29
CA ARG B 387 15.18 -14.83 16.03
C ARG B 387 16.35 -15.74 15.65
N GLN B 388 16.12 -17.05 15.62
CA GLN B 388 17.23 -17.96 15.32
C GLN B 388 17.65 -17.87 13.86
N GLN B 389 16.70 -17.70 12.94
CA GLN B 389 17.09 -17.58 11.54
C GLN B 389 17.84 -16.28 11.28
N LEU B 390 17.64 -15.27 12.12
CA LEU B 390 18.44 -14.06 12.06
C LEU B 390 19.81 -14.26 12.69
N THR B 391 19.94 -15.19 13.63
CA THR B 391 21.23 -15.47 14.32
C THR B 391 22.10 -16.36 13.43
N ASP B 392 21.49 -17.23 12.63
CA ASP B 392 22.22 -18.17 11.73
C ASP B 392 21.75 -17.93 10.30
N ALA B 393 21.91 -16.72 9.78
CA ALA B 393 21.40 -16.35 8.48
C ALA B 393 22.43 -16.61 7.39
N ALA B 394 21.94 -16.63 6.15
CA ALA B 394 22.79 -16.58 4.96
C ALA B 394 22.78 -15.15 4.44
N VAL B 395 23.94 -14.71 3.94
CA VAL B 395 24.09 -13.36 3.41
C VAL B 395 24.40 -13.47 1.93
N ARG B 396 23.73 -12.65 1.13
CA ARG B 396 24.01 -12.61 -0.30
C ARG B 396 25.42 -12.11 -0.53
N PRO B 397 26.01 -12.46 -1.67
CA PRO B 397 27.40 -12.05 -1.94
C PRO B 397 27.56 -10.53 -1.84
N ALA B 398 28.57 -10.12 -1.08
CA ALA B 398 28.85 -8.71 -0.86
C ALA B 398 29.91 -8.26 -1.87
N THR B 399 29.49 -7.47 -2.86
CA THR B 399 30.42 -6.99 -3.88
C THR B 399 29.92 -5.68 -4.45
N PRO B 400 30.81 -4.78 -4.86
CA PRO B 400 30.36 -3.53 -5.48
C PRO B 400 29.56 -3.72 -6.75
N VAL B 401 29.70 -4.87 -7.42
CA VAL B 401 29.00 -5.09 -8.69
C VAL B 401 27.83 -6.04 -8.47
N TYR B 402 27.21 -5.96 -7.29
CA TYR B 402 26.14 -6.90 -6.99
C TYR B 402 25.03 -6.83 -8.03
N GLN B 403 24.69 -5.62 -8.48
CA GLN B 403 23.57 -5.46 -9.40
C GLN B 403 23.83 -6.23 -10.70
N ALA B 404 25.05 -6.13 -11.25
CA ALA B 404 25.36 -6.87 -12.46
C ALA B 404 25.39 -8.37 -12.19
N LEU B 405 25.98 -8.77 -11.05
CA LEU B 405 26.01 -10.18 -10.69
C LEU B 405 24.60 -10.76 -10.59
N SER B 406 23.72 -10.05 -9.88
CA SER B 406 22.35 -10.55 -9.68
C SER B 406 21.64 -10.75 -11.01
N ILE B 407 21.64 -9.74 -11.87
CA ILE B 407 21.00 -9.84 -13.17
C ILE B 407 21.53 -11.05 -13.93
N ARG B 408 22.84 -11.29 -13.85
CA ARG B 408 23.44 -12.36 -14.62
C ARG B 408 23.06 -13.73 -14.05
N LEU B 409 23.07 -13.87 -12.73
CA LEU B 409 22.63 -15.13 -12.13
C LEU B 409 21.16 -15.41 -12.46
N ALA B 410 20.31 -14.39 -12.36
CA ALA B 410 18.89 -14.60 -12.61
C ALA B 410 18.63 -15.08 -14.02
N ALA B 411 19.40 -14.57 -14.99
CA ALA B 411 19.19 -14.96 -16.39
C ALA B 411 19.58 -16.41 -16.62
N VAL B 412 20.63 -16.88 -15.95
CA VAL B 412 21.02 -18.28 -16.08
C VAL B 412 19.98 -19.19 -15.45
N LEU B 413 19.58 -18.89 -14.21
CA LEU B 413 18.70 -19.77 -13.47
C LEU B 413 17.31 -19.84 -14.08
N SER B 414 16.85 -18.76 -14.71
CA SER B 414 15.49 -18.72 -15.24
C SER B 414 15.47 -19.01 -16.74
N PRO B 415 14.49 -19.78 -17.24
CA PRO B 415 13.44 -20.50 -16.48
C PRO B 415 14.00 -21.71 -15.74
N ILE B 416 13.56 -21.92 -14.50
CA ILE B 416 14.13 -23.01 -13.70
C ILE B 416 13.70 -24.38 -14.18
N THR B 417 12.70 -24.47 -15.07
CA THR B 417 12.38 -25.76 -15.67
C THR B 417 13.48 -26.24 -16.59
N GLU B 418 14.27 -25.32 -17.14
CA GLU B 418 15.33 -25.64 -18.09
C GLU B 418 16.69 -25.78 -17.43
N ILE B 419 16.74 -25.76 -16.10
CA ILE B 419 18.01 -25.96 -15.41
C ILE B 419 18.51 -27.38 -15.66
N ASP B 420 19.80 -27.51 -15.96
CA ASP B 420 20.50 -28.79 -15.96
C ASP B 420 21.63 -28.69 -14.94
N PRO B 421 21.44 -29.23 -13.73
CA PRO B 421 22.35 -28.88 -12.62
C PRO B 421 23.83 -28.85 -12.98
N GLU B 422 24.33 -29.88 -13.65
CA GLU B 422 25.76 -29.94 -13.94
C GLU B 422 26.19 -28.82 -14.88
N SER B 423 25.57 -28.75 -16.06
CA SER B 423 25.97 -27.74 -17.04
C SER B 423 25.59 -26.34 -16.60
N THR B 424 24.46 -26.19 -15.90
CA THR B 424 24.07 -24.88 -15.41
C THR B 424 25.06 -24.38 -14.36
N ALA B 425 25.56 -25.27 -13.51
CA ALA B 425 26.54 -24.87 -12.50
C ALA B 425 27.72 -24.17 -13.18
N ASP B 426 28.23 -24.75 -14.26
CA ASP B 426 29.35 -24.13 -14.97
C ASP B 426 28.94 -22.83 -15.63
N GLU B 427 27.73 -22.77 -16.17
CA GLU B 427 27.27 -21.53 -16.80
C GLU B 427 27.05 -20.44 -15.75
N LEU B 428 26.56 -20.81 -14.57
CA LEU B 428 26.47 -19.85 -13.48
C LEU B 428 27.84 -19.28 -13.15
N ALA B 429 28.86 -20.14 -13.02
CA ALA B 429 30.18 -19.68 -12.61
C ALA B 429 30.80 -18.78 -13.65
N ALA B 430 30.67 -19.14 -14.94
CA ALA B 430 31.26 -18.31 -15.99
C ALA B 430 30.60 -16.95 -16.05
N GLN B 431 29.28 -16.88 -15.83
CA GLN B 431 28.59 -15.60 -15.88
C GLN B 431 28.88 -14.75 -14.65
N ALA B 432 29.04 -15.38 -13.49
CA ALA B 432 29.45 -14.63 -12.31
C ALA B 432 30.85 -14.04 -12.49
N GLN B 433 31.73 -14.78 -13.17
CA GLN B 433 33.07 -14.28 -13.43
C GLN B 433 33.04 -13.00 -14.27
N LYS B 434 32.13 -12.94 -15.26
CA LYS B 434 32.07 -11.78 -16.13
C LYS B 434 31.60 -10.53 -15.39
N ALA B 435 30.77 -10.70 -14.36
CA ALA B 435 30.35 -9.54 -13.56
C ALA B 435 31.48 -9.05 -12.68
N ILE B 436 32.22 -9.98 -12.05
CA ILE B 436 33.35 -9.62 -11.22
C ILE B 436 34.49 -9.00 -12.01
N ASP B 437 34.47 -9.12 -13.34
CA ASP B 437 35.50 -8.53 -14.18
C ASP B 437 35.14 -7.15 -14.69
N GLY B 438 33.88 -6.94 -15.07
CA GLY B 438 33.43 -5.65 -15.57
C GLY B 438 33.38 -5.59 -17.09
#